data_9HJN
#
_entry.id   9HJN
#
_cell.length_a   46.144
_cell.length_b   108.327
_cell.length_c   137.447
_cell.angle_alpha   90
_cell.angle_beta   90
_cell.angle_gamma   90
#
_symmetry.space_group_name_H-M   'P 21 21 21'
#
loop_
_entity.id
_entity.type
_entity.pdbx_description
1 polymer 'UDP-glucose 4-epimerase'
2 non-polymer NICOTINAMIDE-ADENINE-DINUCLEOTIDE
3 non-polymer "N-ethyl-N'-(5-methyl-1,2-oxazol-3-yl)urea"
4 non-polymer 'MALONATE ION'
5 non-polymer 'TRIETHYLENE GLYCOL'
6 non-polymer 1,2-ETHANEDIOL
7 non-polymer 'CHLORIDE ION'
8 water water
#
_entity_poly.entity_id   1
_entity_poly.type   'polypeptide(L)'
_entity_poly.pdbx_seq_one_letter_code
;MAEKVLVTGGAGYIGSHTVLELLEAGYLPVVIDNFHNAFRGGGSLPESLRRVQELTGRSVEFEEMDILDQGALQRLFKKY
SFMAVIHFAGLKAVGESVQKPLDYYRVNLTGTIQLLEIMKAHGVKNLVFSSSATVYGNPQYLPLDEAHPTGGCTNPYGKS
KFFIEEMIRDLCQADKTWNAVLLRYFNPTGAHASGCIGEDPQGIPNNLMPYVSQVAIGRREALNVFGNDYDTEDGTGVRD
YIHVVDLAKGHIAALRKLKEQCGCRIYNLGTGTGYSVLQMVQAMEKASGKKIPYKVVARREGDVAACYANPSLAQEELGW
TAALGLDRMCEDLWRWQKQNPSGFGTQA
;
_entity_poly.pdbx_strand_id   A,B
#
# COMPACT_ATOMS: atom_id res chain seq x y z
N ALA A 2 -11.45 4.05 20.46
CA ALA A 2 -10.10 3.43 20.57
C ALA A 2 -9.03 4.51 20.50
N GLU A 3 -7.77 4.05 20.56
CA GLU A 3 -6.62 4.95 20.60
C GLU A 3 -6.24 5.38 19.18
N LYS A 4 -5.91 6.67 19.07
CA LYS A 4 -5.69 7.29 17.78
C LYS A 4 -4.22 7.73 17.68
N VAL A 5 -3.80 8.12 16.47
CA VAL A 5 -2.47 8.67 16.24
C VAL A 5 -2.66 10.09 15.76
N LEU A 6 -2.12 11.05 16.53
CA LEU A 6 -2.17 12.43 16.10
C LEU A 6 -1.08 12.64 15.04
N VAL A 7 -1.45 13.27 13.91
CA VAL A 7 -0.48 13.66 12.91
C VAL A 7 -0.53 15.18 12.78
N THR A 8 0.49 15.89 13.31
CA THR A 8 0.46 17.34 13.16
C THR A 8 0.98 17.65 11.75
N GLY A 9 0.45 18.69 11.15
CA GLY A 9 0.82 19.05 9.78
C GLY A 9 0.42 17.96 8.79
N GLY A 10 -0.59 17.18 9.12
CA GLY A 10 -0.94 16.00 8.34
C GLY A 10 -1.60 16.35 7.00
N ALA A 11 -1.93 17.63 6.75
CA ALA A 11 -2.52 17.98 5.44
C ALA A 11 -1.43 18.20 4.38
N GLY A 12 -0.15 18.28 4.82
CA GLY A 12 0.94 18.66 3.93
C GLY A 12 1.42 17.46 3.10
N TYR A 13 2.55 17.63 2.41
CA TYR A 13 3.05 16.63 1.46
C TYR A 13 3.40 15.30 2.15
N ILE A 14 4.37 15.31 3.08
CA ILE A 14 4.78 14.05 3.72
C ILE A 14 3.68 13.55 4.65
N GLY A 15 3.05 14.50 5.37
CA GLY A 15 1.95 14.21 6.28
C GLY A 15 0.81 13.44 5.61
N SER A 16 0.32 13.96 4.49
CA SER A 16 -0.82 13.34 3.81
C SER A 16 -0.47 11.91 3.39
N HIS A 17 0.76 11.71 2.90
CA HIS A 17 1.19 10.38 2.48
C HIS A 17 1.27 9.45 3.70
N THR A 18 1.66 10.01 4.85
CA THR A 18 1.79 9.25 6.08
C THR A 18 0.40 8.86 6.63
N VAL A 19 -0.55 9.82 6.55
CA VAL A 19 -1.93 9.54 6.90
C VAL A 19 -2.43 8.34 6.08
N LEU A 20 -2.17 8.35 4.77
CA LEU A 20 -2.65 7.22 3.97
C LEU A 20 -2.03 5.91 4.47
N GLU A 21 -0.72 5.94 4.74
CA GLU A 21 -0.02 4.75 5.23
C GLU A 21 -0.57 4.32 6.58
N LEU A 22 -0.91 5.28 7.47
CA LEU A 22 -1.51 4.92 8.77
C LEU A 22 -2.80 4.14 8.58
N LEU A 23 -3.67 4.64 7.68
CA LEU A 23 -4.96 4.01 7.39
C LEU A 23 -4.75 2.60 6.81
N GLU A 24 -3.81 2.46 5.90
CA GLU A 24 -3.56 1.16 5.30
C GLU A 24 -3.03 0.16 6.32
N ALA A 25 -2.33 0.66 7.37
CA ALA A 25 -1.74 -0.19 8.39
C ALA A 25 -2.69 -0.46 9.56
N GLY A 26 -3.91 0.12 9.51
CA GLY A 26 -4.95 -0.17 10.50
C GLY A 26 -4.97 0.79 11.68
N TYR A 27 -4.28 1.93 11.58
CA TYR A 27 -4.36 2.93 12.66
C TYR A 27 -5.49 3.92 12.38
N LEU A 28 -5.87 4.70 13.42
CA LEU A 28 -6.91 5.70 13.35
C LEU A 28 -6.26 7.08 13.46
N PRO A 29 -6.08 7.81 12.34
CA PRO A 29 -5.41 9.12 12.38
C PRO A 29 -6.33 10.26 12.75
N VAL A 30 -5.78 11.22 13.51
CA VAL A 30 -6.43 12.50 13.68
C VAL A 30 -5.38 13.51 13.26
N VAL A 31 -5.73 14.38 12.31
CA VAL A 31 -4.81 15.35 11.77
C VAL A 31 -5.15 16.73 12.31
N ILE A 32 -4.08 17.51 12.63
CA ILE A 32 -4.28 18.94 12.81
C ILE A 32 -3.40 19.66 11.79
N ASP A 33 -3.91 20.78 11.29
CA ASP A 33 -3.17 21.59 10.34
C ASP A 33 -3.78 22.99 10.37
N ASN A 34 -2.95 24.03 10.15
CA ASN A 34 -3.46 25.38 10.13
C ASN A 34 -3.58 25.88 8.69
N PHE A 35 -3.33 25.02 7.70
CA PHE A 35 -3.39 25.42 6.29
C PHE A 35 -2.39 26.49 5.89
N HIS A 36 -1.34 26.70 6.70
CA HIS A 36 -0.25 27.61 6.29
C HIS A 36 0.30 27.22 4.91
N ASN A 37 0.46 25.93 4.65
CA ASN A 37 1.05 25.44 3.41
C ASN A 37 0.27 24.22 2.90
N ALA A 38 -1.06 24.27 2.97
CA ALA A 38 -1.87 23.18 2.40
C ALA A 38 -3.16 23.77 1.82
N PHE A 39 -3.80 23.04 0.89
CA PHE A 39 -4.95 23.55 0.15
C PHE A 39 -6.26 23.07 0.79
N ARG A 40 -7.21 24.00 0.93
CA ARG A 40 -8.52 23.63 1.47
C ARG A 40 -9.36 22.95 0.37
N GLY A 41 -10.05 21.87 0.72
CA GLY A 41 -10.97 21.22 -0.21
C GLY A 41 -12.36 21.83 -0.14
N GLY A 42 -13.30 21.29 -0.91
CA GLY A 42 -14.62 21.90 -1.03
C GLY A 42 -15.50 21.60 0.18
N GLY A 43 -15.08 20.61 0.99
CA GLY A 43 -15.74 20.22 2.23
C GLY A 43 -14.86 20.63 3.41
N SER A 44 -14.94 19.89 4.51
CA SER A 44 -14.26 20.27 5.75
C SER A 44 -12.77 19.93 5.65
N LEU A 45 -12.48 18.83 4.94
CA LEU A 45 -11.13 18.30 4.87
C LEU A 45 -10.25 19.14 3.94
N PRO A 46 -8.94 19.25 4.23
CA PRO A 46 -7.95 19.57 3.20
C PRO A 46 -8.16 18.66 1.99
N GLU A 47 -7.94 19.19 0.79
CA GLU A 47 -8.13 18.40 -0.42
C GLU A 47 -7.28 17.12 -0.37
N SER A 48 -6.05 17.25 0.14
CA SER A 48 -5.17 16.09 0.24
C SER A 48 -5.86 14.95 0.98
N LEU A 49 -6.45 15.27 2.13
CA LEU A 49 -7.02 14.26 3.00
C LEU A 49 -8.38 13.78 2.46
N ARG A 50 -9.10 14.64 1.75
CA ARG A 50 -10.32 14.16 1.09
C ARG A 50 -9.96 13.05 0.09
N ARG A 51 -8.87 13.25 -0.64
CA ARG A 51 -8.45 12.25 -1.64
C ARG A 51 -7.88 11.01 -0.95
N VAL A 52 -7.17 11.20 0.17
CA VAL A 52 -6.74 10.06 0.96
C VAL A 52 -7.93 9.19 1.40
N GLN A 53 -9.03 9.83 1.85
CA GLN A 53 -10.24 9.07 2.16
C GLN A 53 -10.69 8.24 0.97
N GLU A 54 -10.70 8.84 -0.23
CA GLU A 54 -11.17 8.14 -1.42
C GLU A 54 -10.22 7.00 -1.78
N LEU A 55 -8.91 7.24 -1.61
CA LEU A 55 -7.91 6.24 -1.93
C LEU A 55 -8.00 5.00 -1.03
N THR A 56 -8.39 5.20 0.25
CA THR A 56 -8.32 4.14 1.24
C THR A 56 -9.70 3.57 1.56
N GLY A 57 -10.77 4.31 1.25
CA GLY A 57 -12.13 3.96 1.64
C GLY A 57 -12.35 4.16 3.14
N ARG A 58 -11.48 4.91 3.82
N ARG A 58 -11.47 4.91 3.82
CA ARG A 58 -11.57 5.08 5.26
CA ARG A 58 -11.58 5.07 5.26
C ARG A 58 -11.57 6.55 5.63
C ARG A 58 -11.57 6.55 5.63
N SER A 59 -12.04 6.88 6.83
CA SER A 59 -12.16 8.29 7.16
C SER A 59 -10.97 8.79 7.96
N VAL A 60 -10.71 10.09 7.83
CA VAL A 60 -9.65 10.78 8.54
C VAL A 60 -10.35 11.82 9.40
N GLU A 61 -10.08 11.84 10.70
CA GLU A 61 -10.58 12.92 11.54
C GLU A 61 -9.63 14.12 11.42
N PHE A 62 -10.19 15.32 11.39
CA PHE A 62 -9.39 16.51 11.14
C PHE A 62 -9.87 17.71 11.97
N GLU A 63 -8.90 18.44 12.54
CA GLU A 63 -9.22 19.71 13.19
C GLU A 63 -8.27 20.77 12.64
N GLU A 64 -8.83 21.89 12.18
CA GLU A 64 -8.04 23.02 11.73
C GLU A 64 -7.65 23.80 12.99
N MET A 65 -6.35 23.82 13.31
CA MET A 65 -5.88 24.57 14.47
C MET A 65 -4.37 24.80 14.31
N ASP A 66 -3.82 25.68 15.15
CA ASP A 66 -2.41 26.04 15.10
C ASP A 66 -1.72 25.44 16.32
N ILE A 67 -0.62 24.73 16.11
CA ILE A 67 0.14 24.11 17.19
C ILE A 67 0.67 25.19 18.14
N LEU A 68 0.72 26.45 17.68
CA LEU A 68 1.11 27.55 18.58
C LEU A 68 0.01 27.91 19.58
N ASP A 69 -1.20 27.40 19.37
CA ASP A 69 -2.35 27.72 20.22
C ASP A 69 -2.43 26.74 21.39
N GLN A 70 -1.96 27.19 22.58
CA GLN A 70 -1.92 26.29 23.72
C GLN A 70 -3.32 25.80 24.10
N GLY A 71 -4.30 26.71 24.07
CA GLY A 71 -5.65 26.35 24.47
C GLY A 71 -6.25 25.33 23.50
N ALA A 72 -5.99 25.50 22.20
CA ALA A 72 -6.49 24.55 21.23
C ALA A 72 -5.84 23.18 21.45
N LEU A 73 -4.54 23.17 21.78
CA LEU A 73 -3.86 21.91 22.05
C LEU A 73 -4.45 21.23 23.27
N GLN A 74 -4.69 22.00 24.34
CA GLN A 74 -5.28 21.48 25.56
C GLN A 74 -6.61 20.81 25.24
N ARG A 75 -7.46 21.50 24.46
CA ARG A 75 -8.77 20.98 24.12
C ARG A 75 -8.63 19.69 23.32
N LEU A 76 -7.72 19.72 22.33
CA LEU A 76 -7.50 18.55 21.46
C LEU A 76 -7.16 17.30 22.28
N PHE A 77 -6.22 17.44 23.22
CA PHE A 77 -5.74 16.31 24.01
C PHE A 77 -6.79 15.84 25.02
N LYS A 78 -7.74 16.70 25.41
CA LYS A 78 -8.88 16.22 26.21
C LYS A 78 -9.89 15.50 25.34
N LYS A 79 -10.06 15.97 24.11
CA LYS A 79 -11.09 15.48 23.20
C LYS A 79 -10.78 14.08 22.68
N TYR A 80 -9.52 13.80 22.32
CA TYR A 80 -9.11 12.53 21.75
C TYR A 80 -8.18 11.80 22.69
N SER A 81 -8.15 10.47 22.62
CA SER A 81 -7.15 9.69 23.35
C SER A 81 -6.07 9.21 22.39
N PHE A 82 -4.91 9.85 22.43
CA PHE A 82 -3.84 9.52 21.51
C PHE A 82 -2.88 8.52 22.14
N MET A 83 -2.48 7.51 21.37
CA MET A 83 -1.41 6.62 21.79
C MET A 83 -0.04 7.17 21.39
N ALA A 84 0.00 8.03 20.35
CA ALA A 84 1.27 8.51 19.83
C ALA A 84 1.01 9.72 18.96
N VAL A 85 2.10 10.44 18.67
CA VAL A 85 2.06 11.65 17.85
C VAL A 85 3.16 11.54 16.81
N ILE A 86 2.82 11.82 15.54
CA ILE A 86 3.80 11.98 14.50
C ILE A 86 3.80 13.46 14.14
N HIS A 87 4.94 14.13 14.25
CA HIS A 87 5.01 15.59 14.26
C HIS A 87 5.67 16.13 12.99
N PHE A 88 4.83 16.57 12.03
CA PHE A 88 5.29 17.21 10.80
C PHE A 88 5.03 18.71 10.81
N ALA A 89 4.20 19.23 11.73
CA ALA A 89 3.81 20.64 11.58
C ALA A 89 5.03 21.52 11.82
N GLY A 90 5.33 22.37 10.82
CA GLY A 90 6.45 23.27 10.93
C GLY A 90 6.67 24.00 9.61
N LEU A 91 7.64 24.91 9.61
CA LEU A 91 8.07 25.58 8.40
C LEU A 91 9.33 24.89 7.93
N LYS A 92 9.51 24.74 6.60
CA LYS A 92 10.58 23.85 6.18
C LYS A 92 11.33 24.32 4.93
N ALA A 93 11.13 25.57 4.51
CA ALA A 93 11.87 26.06 3.36
C ALA A 93 13.22 26.63 3.79
N VAL A 94 14.31 25.95 3.39
CA VAL A 94 15.65 26.31 3.83
C VAL A 94 15.97 27.76 3.44
N GLY A 95 15.64 28.15 2.20
CA GLY A 95 15.93 29.49 1.72
C GLY A 95 15.13 30.56 2.46
N GLU A 96 13.86 30.26 2.76
CA GLU A 96 12.99 31.17 3.48
C GLU A 96 13.49 31.38 4.91
N SER A 97 14.06 30.32 5.50
CA SER A 97 14.54 30.40 6.88
C SER A 97 15.64 31.46 7.03
N VAL A 98 16.44 31.65 5.98
CA VAL A 98 17.53 32.61 6.07
C VAL A 98 16.96 34.03 6.15
N GLN A 99 15.85 34.26 5.43
CA GLN A 99 15.22 35.57 5.34
C GLN A 99 14.30 35.84 6.53
N LYS A 100 13.66 34.80 7.05
CA LYS A 100 12.70 34.96 8.13
C LYS A 100 13.04 34.01 9.29
N PRO A 101 14.22 34.10 9.91
CA PRO A 101 14.58 33.16 10.97
C PRO A 101 13.60 33.11 12.14
N LEU A 102 13.07 34.27 12.58
CA LEU A 102 12.23 34.28 13.78
C LEU A 102 10.95 33.45 13.56
N ASP A 103 10.41 33.49 12.34
CA ASP A 103 9.23 32.70 12.04
C ASP A 103 9.54 31.20 12.17
N TYR A 104 10.74 30.79 11.71
CA TYR A 104 11.19 29.40 11.77
C TYR A 104 11.36 28.99 13.24
N TYR A 105 11.98 29.87 14.03
CA TYR A 105 12.17 29.51 15.43
C TYR A 105 10.82 29.48 16.17
N ARG A 106 9.94 30.45 15.87
CA ARG A 106 8.64 30.49 16.55
C ARG A 106 7.85 29.21 16.26
N VAL A 107 7.58 28.96 14.97
CA VAL A 107 6.72 27.83 14.63
C VAL A 107 7.37 26.52 15.05
N ASN A 108 8.66 26.34 14.72
CA ASN A 108 9.29 25.04 14.90
C ASN A 108 9.63 24.80 16.37
N LEU A 109 10.26 25.81 17.03
CA LEU A 109 10.64 25.61 18.44
C LEU A 109 9.43 25.74 19.38
N THR A 110 8.76 26.91 19.38
CA THR A 110 7.66 27.12 20.32
C THR A 110 6.55 26.10 20.05
N GLY A 111 6.31 25.80 18.76
CA GLY A 111 5.28 24.83 18.43
C GLY A 111 5.58 23.45 19.02
N THR A 112 6.84 23.02 18.88
CA THR A 112 7.25 21.73 19.35
C THR A 112 7.23 21.71 20.89
N ILE A 113 7.71 22.79 21.52
CA ILE A 113 7.74 22.80 22.98
C ILE A 113 6.32 22.69 23.51
N GLN A 114 5.38 23.41 22.90
CA GLN A 114 4.00 23.34 23.39
C GLN A 114 3.43 21.95 23.18
N LEU A 115 3.71 21.35 22.02
CA LEU A 115 3.26 19.99 21.78
C LEU A 115 3.81 19.04 22.85
N LEU A 116 5.11 19.14 23.14
CA LEU A 116 5.72 18.22 24.10
C LEU A 116 5.11 18.43 25.49
N GLU A 117 4.88 19.69 25.84
CA GLU A 117 4.26 19.98 27.14
C GLU A 117 2.87 19.35 27.26
N ILE A 118 2.04 19.45 26.22
CA ILE A 118 0.68 18.95 26.36
C ILE A 118 0.68 17.43 26.34
N MET A 119 1.58 16.85 25.52
CA MET A 119 1.80 15.41 25.52
C MET A 119 2.15 14.92 26.93
N LYS A 120 3.09 15.62 27.58
CA LYS A 120 3.49 15.23 28.92
C LYS A 120 2.29 15.33 29.87
N ALA A 121 1.55 16.44 29.76
CA ALA A 121 0.44 16.71 30.67
C ALA A 121 -0.62 15.61 30.57
N HIS A 122 -0.77 15.00 29.38
CA HIS A 122 -1.80 14.00 29.13
C HIS A 122 -1.26 12.57 29.11
N GLY A 123 0.01 12.40 29.48
CA GLY A 123 0.66 11.09 29.52
C GLY A 123 0.78 10.41 28.16
N VAL A 124 0.82 11.20 27.08
CA VAL A 124 1.09 10.65 25.76
C VAL A 124 2.60 10.73 25.54
N LYS A 125 3.31 9.60 25.62
CA LYS A 125 4.76 9.75 25.69
C LYS A 125 5.45 9.01 24.55
N ASN A 126 4.81 8.97 23.38
CA ASN A 126 5.30 8.24 22.24
C ASN A 126 5.31 9.22 21.06
N LEU A 127 6.51 9.51 20.55
CA LEU A 127 6.62 10.55 19.52
C LEU A 127 7.47 10.04 18.35
N VAL A 128 6.99 10.29 17.13
CA VAL A 128 7.86 10.21 15.97
C VAL A 128 8.09 11.64 15.52
N PHE A 129 9.36 12.08 15.57
CA PHE A 129 9.66 13.43 15.11
C PHE A 129 10.25 13.35 13.70
N SER A 130 9.63 14.11 12.77
CA SER A 130 10.10 14.15 11.39
C SER A 130 11.22 15.19 11.32
N SER A 131 12.47 14.71 11.41
CA SER A 131 13.65 15.57 11.51
C SER A 131 14.21 15.82 10.11
N SER A 132 15.47 16.27 10.06
CA SER A 132 16.13 16.59 8.80
C SER A 132 17.60 16.19 8.91
N ALA A 133 18.11 15.54 7.85
CA ALA A 133 19.51 15.17 7.81
C ALA A 133 20.39 16.40 7.62
N THR A 134 19.80 17.60 7.48
CA THR A 134 20.64 18.79 7.45
C THR A 134 21.25 19.08 8.82
N VAL A 135 20.79 18.39 9.86
CA VAL A 135 21.38 18.54 11.20
C VAL A 135 22.83 18.05 11.22
N TYR A 136 23.19 17.18 10.28
CA TYR A 136 24.59 16.73 10.20
C TYR A 136 25.52 17.85 9.76
N GLY A 137 24.98 18.90 9.14
CA GLY A 137 25.81 19.94 8.55
C GLY A 137 26.55 19.42 7.31
N ASN A 138 27.63 20.11 6.90
CA ASN A 138 28.40 19.71 5.74
C ASN A 138 29.09 18.37 6.03
N PRO A 139 29.04 17.37 5.12
CA PRO A 139 29.60 16.06 5.41
C PRO A 139 31.09 16.08 5.73
N GLN A 140 31.47 15.39 6.81
CA GLN A 140 32.87 15.14 7.14
C GLN A 140 33.29 13.75 6.66
N TYR A 141 32.32 12.86 6.47
CA TYR A 141 32.52 11.62 5.76
C TYR A 141 31.20 11.19 5.13
N LEU A 142 31.25 10.21 4.22
CA LEU A 142 30.07 9.79 3.48
C LEU A 142 30.08 8.28 3.36
N PRO A 143 28.90 7.62 3.30
CA PRO A 143 27.60 8.27 3.56
C PRO A 143 27.44 8.69 5.03
N LEU A 144 26.55 9.66 5.29
CA LEU A 144 26.32 10.11 6.65
C LEU A 144 25.62 9.02 7.45
N ASP A 145 26.20 8.63 8.59
CA ASP A 145 25.48 7.72 9.47
C ASP A 145 25.15 8.45 10.78
N GLU A 146 24.49 7.73 11.70
CA GLU A 146 23.95 8.30 12.92
C GLU A 146 25.07 8.64 13.91
N ALA A 147 26.29 8.16 13.67
CA ALA A 147 27.42 8.54 14.52
C ALA A 147 28.05 9.86 14.08
N HIS A 148 27.64 10.42 12.93
CA HIS A 148 28.30 11.60 12.39
C HIS A 148 27.95 12.81 13.27
N PRO A 149 28.86 13.79 13.47
CA PRO A 149 28.55 14.99 14.25
C PRO A 149 27.31 15.73 13.75
N THR A 150 26.59 16.34 14.70
CA THR A 150 25.40 17.14 14.39
C THR A 150 25.61 18.52 14.98
N GLY A 151 24.85 19.50 14.46
CA GLY A 151 25.07 20.88 14.84
C GLY A 151 26.06 21.47 13.85
N GLY A 152 26.44 22.72 13.98
CA GLY A 152 27.25 23.24 12.89
C GLY A 152 26.44 23.35 11.59
N CYS A 153 25.11 23.34 11.66
CA CYS A 153 24.30 23.77 10.53
C CYS A 153 24.45 25.28 10.51
N THR A 154 24.42 25.90 9.34
CA THR A 154 24.45 27.34 9.34
C THR A 154 23.06 27.93 9.05
N ASN A 155 22.18 27.17 8.35
CA ASN A 155 20.88 27.78 8.05
C ASN A 155 19.93 27.64 9.24
N PRO A 156 19.05 28.65 9.49
CA PRO A 156 18.10 28.62 10.59
C PRO A 156 17.17 27.41 10.62
N TYR A 157 16.70 26.97 9.44
CA TYR A 157 15.87 25.77 9.40
C TYR A 157 16.61 24.59 10.03
N GLY A 158 17.84 24.35 9.53
CA GLY A 158 18.66 23.25 10.04
C GLY A 158 18.84 23.38 11.55
N LYS A 159 19.18 24.60 11.99
CA LYS A 159 19.40 24.79 13.41
C LYS A 159 18.13 24.47 14.19
N SER A 160 16.98 24.94 13.66
CA SER A 160 15.73 24.71 14.38
C SER A 160 15.51 23.20 14.55
N LYS A 161 15.81 22.43 13.48
CA LYS A 161 15.57 21.00 13.58
C LYS A 161 16.53 20.35 14.60
N PHE A 162 17.78 20.82 14.59
CA PHE A 162 18.79 20.29 15.53
C PHE A 162 18.37 20.62 16.95
N PHE A 163 17.92 21.86 17.17
CA PHE A 163 17.51 22.28 18.51
C PHE A 163 16.35 21.42 19.01
N ILE A 164 15.39 21.12 18.13
CA ILE A 164 14.29 20.25 18.54
C ILE A 164 14.81 18.87 18.91
N GLU A 165 15.69 18.29 18.10
CA GLU A 165 16.25 17.00 18.45
C GLU A 165 16.85 17.05 19.86
N GLU A 166 17.60 18.12 20.14
CA GLU A 166 18.27 18.19 21.45
C GLU A 166 17.24 18.29 22.58
N MET A 167 16.14 19.04 22.36
CA MET A 167 15.12 19.16 23.40
C MET A 167 14.48 17.79 23.68
N ILE A 168 14.20 17.07 22.60
CA ILE A 168 13.64 15.73 22.75
C ILE A 168 14.60 14.80 23.47
N ARG A 169 15.89 14.85 23.11
CA ARG A 169 16.88 14.02 23.75
C ARG A 169 16.92 14.31 25.25
N ASP A 170 16.86 15.62 25.60
CA ASP A 170 16.92 15.99 27.00
C ASP A 170 15.68 15.56 27.77
N LEU A 171 14.50 15.67 27.14
CA LEU A 171 13.25 15.20 27.72
C LEU A 171 13.37 13.71 28.03
N CYS A 172 13.84 12.92 27.06
CA CYS A 172 13.93 11.48 27.27
C CYS A 172 14.97 11.14 28.32
N GLN A 173 16.05 11.90 28.40
CA GLN A 173 17.05 11.72 29.45
C GLN A 173 16.41 11.93 30.82
N ALA A 174 15.50 12.92 30.92
CA ALA A 174 14.92 13.27 32.20
C ALA A 174 13.83 12.30 32.59
N ASP A 175 13.16 11.70 31.60
CA ASP A 175 12.04 10.80 31.84
C ASP A 175 12.16 9.58 30.93
N LYS A 176 12.54 8.45 31.54
CA LYS A 176 12.83 7.24 30.80
C LYS A 176 11.53 6.60 30.29
N THR A 177 10.36 7.15 30.68
CA THR A 177 9.11 6.55 30.23
C THR A 177 8.82 7.01 28.80
N TRP A 178 9.43 8.12 28.39
CA TRP A 178 9.22 8.63 27.03
C TRP A 178 9.83 7.69 26.02
N ASN A 179 9.19 7.57 24.85
CA ASN A 179 9.80 6.87 23.71
C ASN A 179 9.71 7.83 22.53
N ALA A 180 10.84 8.11 21.89
CA ALA A 180 10.77 9.01 20.74
C ALA A 180 11.68 8.50 19.63
N VAL A 181 11.23 8.61 18.38
CA VAL A 181 12.10 8.23 17.28
C VAL A 181 12.28 9.47 16.42
N LEU A 182 13.54 9.87 16.19
CA LEU A 182 13.88 11.03 15.39
C LEU A 182 14.31 10.51 14.03
N LEU A 183 13.60 10.91 12.96
CA LEU A 183 13.90 10.40 11.65
C LEU A 183 14.57 11.49 10.82
N ARG A 184 15.78 11.20 10.31
CA ARG A 184 16.57 12.18 9.56
C ARG A 184 16.62 11.75 8.11
N TYR A 185 16.24 12.66 7.20
CA TYR A 185 16.28 12.36 5.79
C TYR A 185 16.44 13.69 5.07
N PHE A 186 16.61 13.60 3.74
CA PHE A 186 16.90 14.76 2.91
C PHE A 186 15.67 15.14 2.11
N ASN A 187 15.62 14.83 0.82
CA ASN A 187 14.62 15.47 -0.02
C ASN A 187 13.53 14.47 -0.40
N PRO A 188 12.28 14.67 0.07
CA PRO A 188 11.17 13.82 -0.37
C PRO A 188 10.81 14.15 -1.81
N THR A 189 10.57 13.11 -2.62
CA THR A 189 10.08 13.39 -3.96
C THR A 189 9.16 12.25 -4.40
N GLY A 190 8.68 12.35 -5.65
CA GLY A 190 7.65 11.41 -6.12
C GLY A 190 6.27 11.73 -5.53
N ALA A 191 5.37 10.73 -5.56
CA ALA A 191 4.00 10.94 -5.15
C ALA A 191 3.36 9.55 -5.10
N HIS A 192 2.24 9.47 -4.36
CA HIS A 192 1.43 8.26 -4.38
C HIS A 192 1.20 7.83 -5.82
N ALA A 193 1.22 6.51 -6.06
CA ALA A 193 1.21 5.94 -7.41
C ALA A 193 -0.10 6.22 -8.13
N SER A 194 -1.15 6.60 -7.40
CA SER A 194 -2.42 6.97 -8.03
C SER A 194 -2.27 8.22 -8.89
N GLY A 195 -1.29 9.06 -8.54
CA GLY A 195 -1.18 10.37 -9.14
C GLY A 195 -2.21 11.37 -8.57
N CYS A 196 -2.94 11.00 -7.50
CA CYS A 196 -4.06 11.80 -7.02
C CYS A 196 -3.61 12.73 -5.88
N ILE A 197 -2.49 12.41 -5.21
CA ILE A 197 -1.91 13.32 -4.24
C ILE A 197 -0.42 13.41 -4.54
N GLY A 198 0.22 14.45 -4.00
CA GLY A 198 1.62 14.72 -4.24
C GLY A 198 1.92 16.05 -3.57
N GLU A 199 3.04 16.66 -3.94
CA GLU A 199 3.41 17.94 -3.35
C GLU A 199 2.79 19.07 -4.18
N ASP A 200 2.10 19.98 -3.50
CA ASP A 200 1.60 21.19 -4.14
C ASP A 200 2.77 22.05 -4.60
N PRO A 201 2.61 22.94 -5.62
CA PRO A 201 3.62 23.93 -5.94
C PRO A 201 4.08 24.69 -4.70
N GLN A 202 5.38 24.71 -4.43
CA GLN A 202 5.90 25.40 -3.25
C GLN A 202 6.48 26.76 -3.64
N GLY A 203 6.49 27.67 -2.66
CA GLY A 203 7.07 28.99 -2.91
C GLY A 203 8.59 28.91 -3.08
N ILE A 204 9.25 28.20 -2.16
CA ILE A 204 10.71 28.15 -2.18
C ILE A 204 11.09 26.67 -2.01
N PRO A 205 11.13 25.91 -3.11
CA PRO A 205 11.48 24.48 -3.06
C PRO A 205 12.85 24.25 -2.44
N ASN A 206 13.03 23.09 -1.79
CA ASN A 206 14.31 22.70 -1.21
C ASN A 206 15.18 21.84 -2.15
N ASN A 207 14.64 21.43 -3.31
CA ASN A 207 15.34 20.52 -4.19
C ASN A 207 14.93 20.81 -5.65
N LEU A 208 15.64 20.18 -6.60
CA LEU A 208 15.47 20.51 -8.00
C LEU A 208 14.29 19.79 -8.68
N MET A 209 13.74 18.73 -8.07
CA MET A 209 12.79 17.87 -8.77
C MET A 209 11.54 18.64 -9.24
N PRO A 210 10.92 19.52 -8.42
CA PRO A 210 9.78 20.31 -8.89
C PRO A 210 10.13 21.16 -10.11
N TYR A 211 11.36 21.66 -10.15
CA TYR A 211 11.77 22.51 -11.27
C TYR A 211 11.91 21.66 -12.53
N VAL A 212 12.48 20.47 -12.36
CA VAL A 212 12.70 19.61 -13.52
C VAL A 212 11.35 19.19 -14.10
N SER A 213 10.40 18.86 -13.22
CA SER A 213 9.04 18.52 -13.67
C SER A 213 8.40 19.69 -14.42
N GLN A 214 8.64 20.91 -13.93
CA GLN A 214 8.02 22.09 -14.54
C GLN A 214 8.64 22.42 -15.90
N VAL A 215 9.96 22.19 -16.04
CA VAL A 215 10.61 22.36 -17.34
C VAL A 215 10.00 21.35 -18.31
N ALA A 216 9.87 20.10 -17.87
CA ALA A 216 9.39 19.05 -18.74
C ALA A 216 7.96 19.35 -19.21
N ILE A 217 7.13 19.92 -18.32
CA ILE A 217 5.74 20.24 -18.66
C ILE A 217 5.65 21.52 -19.50
N GLY A 218 6.75 22.28 -19.58
CA GLY A 218 6.83 23.47 -20.42
C GLY A 218 6.46 24.73 -19.65
N ARG A 219 6.35 24.64 -18.32
CA ARG A 219 6.07 25.81 -17.49
C ARG A 219 7.33 26.63 -17.25
N ARG A 220 8.51 26.02 -17.43
CA ARG A 220 9.78 26.72 -17.27
C ARG A 220 10.65 26.40 -18.47
N GLU A 221 11.58 27.30 -18.80
CA GLU A 221 12.36 27.10 -20.01
C GLU A 221 13.54 26.15 -19.79
N ALA A 222 14.31 26.35 -18.71
CA ALA A 222 15.54 25.61 -18.51
C ALA A 222 15.78 25.40 -17.01
N LEU A 223 16.50 24.33 -16.66
CA LEU A 223 16.95 24.15 -15.28
C LEU A 223 18.28 24.86 -15.07
N ASN A 224 18.41 25.65 -14.01
CA ASN A 224 19.72 26.20 -13.64
C ASN A 224 20.50 25.13 -12.85
N VAL A 225 21.73 24.84 -13.29
CA VAL A 225 22.60 23.85 -12.67
C VAL A 225 23.75 24.63 -12.05
N PHE A 226 23.79 24.61 -10.70
CA PHE A 226 24.77 25.40 -9.96
C PHE A 226 26.09 24.63 -9.87
N GLY A 227 26.91 24.79 -10.91
CA GLY A 227 28.24 24.20 -10.96
C GLY A 227 28.24 22.87 -11.70
N ASN A 228 29.28 22.61 -12.49
CA ASN A 228 29.43 21.30 -13.11
C ASN A 228 30.88 20.83 -13.03
N ASP A 229 31.62 21.39 -12.07
CA ASP A 229 33.02 21.09 -11.92
C ASP A 229 33.29 20.55 -10.52
N TYR A 230 32.28 19.90 -9.93
CA TYR A 230 32.47 19.32 -8.60
C TYR A 230 33.24 18.01 -8.73
N ASP A 231 33.80 17.61 -7.59
CA ASP A 231 34.45 16.32 -7.45
C ASP A 231 33.37 15.23 -7.38
N THR A 232 32.67 14.99 -8.50
CA THR A 232 31.62 13.99 -8.63
C THR A 232 31.78 13.32 -9.99
N GLU A 233 31.07 12.21 -10.23
CA GLU A 233 31.24 11.44 -11.44
C GLU A 233 30.99 12.28 -12.71
N ASP A 234 29.93 13.10 -12.73
CA ASP A 234 29.62 13.92 -13.91
C ASP A 234 29.89 15.40 -13.66
N GLY A 235 30.41 15.74 -12.48
CA GLY A 235 30.73 17.11 -12.14
C GLY A 235 29.60 17.89 -11.48
N THR A 236 28.34 17.42 -11.58
CA THR A 236 27.25 18.15 -10.92
C THR A 236 27.02 17.59 -9.51
N GLY A 237 26.34 18.38 -8.67
CA GLY A 237 26.24 18.06 -7.24
C GLY A 237 25.39 16.82 -7.02
N VAL A 238 25.83 15.99 -6.08
CA VAL A 238 25.11 14.76 -5.79
C VAL A 238 24.34 14.98 -4.50
N ARG A 239 23.05 14.63 -4.54
CA ARG A 239 22.13 14.92 -3.46
C ARG A 239 21.26 13.70 -3.17
N ASP A 240 20.55 13.76 -2.04
CA ASP A 240 19.84 12.59 -1.50
C ASP A 240 18.33 12.81 -1.67
N TYR A 241 17.69 11.87 -2.41
CA TYR A 241 16.26 11.93 -2.71
C TYR A 241 15.61 10.63 -2.25
N ILE A 242 14.50 10.74 -1.48
CA ILE A 242 13.73 9.56 -1.05
C ILE A 242 12.29 9.69 -1.57
N HIS A 243 11.76 8.57 -2.10
CA HIS A 243 10.36 8.59 -2.51
C HIS A 243 9.47 8.79 -1.26
N VAL A 244 8.52 9.73 -1.38
CA VAL A 244 7.68 10.14 -0.26
C VAL A 244 6.89 8.95 0.30
N VAL A 245 6.54 7.97 -0.55
CA VAL A 245 5.83 6.78 -0.08
C VAL A 245 6.76 5.94 0.80
N ASP A 246 8.01 5.74 0.36
CA ASP A 246 8.97 5.03 1.21
C ASP A 246 9.18 5.80 2.52
N LEU A 247 9.28 7.13 2.43
CA LEU A 247 9.43 8.00 3.59
C LEU A 247 8.27 7.81 4.57
N ALA A 248 7.04 7.86 4.02
CA ALA A 248 5.83 7.69 4.83
C ALA A 248 5.84 6.32 5.52
N LYS A 249 6.21 5.28 4.78
CA LYS A 249 6.31 3.94 5.36
C LYS A 249 7.37 3.91 6.46
N GLY A 250 8.44 4.69 6.31
CA GLY A 250 9.43 4.78 7.38
C GLY A 250 8.88 5.37 8.68
N HIS A 251 7.95 6.33 8.55
CA HIS A 251 7.29 6.91 9.71
C HIS A 251 6.43 5.86 10.41
N ILE A 252 5.84 4.94 9.61
CA ILE A 252 5.05 3.86 10.20
C ILE A 252 5.98 2.91 10.95
N ALA A 253 7.15 2.63 10.36
CA ALA A 253 8.07 1.71 11.03
C ALA A 253 8.49 2.33 12.36
N ALA A 254 8.74 3.65 12.34
CA ALA A 254 9.10 4.33 13.58
C ALA A 254 8.00 4.22 14.64
N LEU A 255 6.75 4.45 14.22
CA LEU A 255 5.59 4.32 15.11
C LEU A 255 5.58 2.93 15.76
N ARG A 256 5.77 1.88 14.97
CA ARG A 256 5.80 0.53 15.52
C ARG A 256 6.94 0.32 16.52
N LYS A 257 8.11 0.92 16.22
CA LYS A 257 9.26 0.79 17.10
C LYS A 257 8.91 1.33 18.50
N LEU A 258 8.04 2.34 18.59
CA LEU A 258 7.69 2.92 19.89
C LEU A 258 7.07 1.87 20.83
N LYS A 259 6.42 0.86 20.26
CA LYS A 259 5.75 -0.17 21.06
C LYS A 259 6.79 -1.00 21.83
N GLU A 260 8.04 -0.96 21.36
CA GLU A 260 9.12 -1.72 21.97
C GLU A 260 9.67 -1.00 23.20
N GLN A 261 9.12 0.19 23.52
CA GLN A 261 9.59 0.96 24.66
C GLN A 261 11.07 1.28 24.46
N CYS A 262 11.38 1.84 23.30
CA CYS A 262 12.74 1.97 22.78
C CYS A 262 13.51 3.14 23.42
N GLY A 263 12.81 4.04 24.15
CA GLY A 263 13.48 5.25 24.61
C GLY A 263 13.70 6.22 23.43
N CYS A 264 14.78 7.01 23.47
CA CYS A 264 15.09 7.93 22.37
C CYS A 264 15.95 7.20 21.32
N ARG A 265 15.48 7.14 20.06
CA ARG A 265 16.24 6.49 18.99
C ARG A 265 16.29 7.41 17.77
N ILE A 266 17.38 7.33 17.00
CA ILE A 266 17.61 8.22 15.87
C ILE A 266 17.93 7.35 14.65
N TYR A 267 17.20 7.52 13.55
CA TYR A 267 17.48 6.74 12.35
C TYR A 267 17.46 7.63 11.11
N ASN A 268 18.45 7.44 10.22
CA ASN A 268 18.41 8.01 8.89
C ASN A 268 17.44 7.20 8.04
N LEU A 269 16.72 7.91 7.14
CA LEU A 269 15.94 7.22 6.15
C LEU A 269 16.41 7.70 4.78
N GLY A 270 16.58 6.75 3.85
CA GLY A 270 16.99 7.10 2.50
C GLY A 270 17.23 5.82 1.68
N THR A 271 17.61 6.00 0.42
CA THR A 271 17.92 4.86 -0.45
C THR A 271 19.37 4.37 -0.26
N GLY A 272 20.26 5.21 0.27
CA GLY A 272 21.65 4.81 0.46
C GLY A 272 22.53 5.17 -0.75
N THR A 273 21.95 5.71 -1.83
CA THR A 273 22.72 6.16 -2.98
C THR A 273 22.28 7.57 -3.33
N GLY A 274 23.23 8.50 -3.53
CA GLY A 274 22.92 9.83 -4.02
C GLY A 274 22.78 9.87 -5.54
N TYR A 275 22.16 10.94 -6.04
CA TYR A 275 21.93 11.15 -7.46
C TYR A 275 22.42 12.55 -7.82
N SER A 276 23.06 12.63 -8.98
CA SER A 276 23.58 13.91 -9.46
C SER A 276 22.47 14.68 -10.16
N VAL A 277 22.72 15.97 -10.39
CA VAL A 277 21.76 16.82 -11.07
C VAL A 277 21.48 16.23 -12.44
N LEU A 278 22.55 15.85 -13.15
CA LEU A 278 22.38 15.35 -14.52
C LEU A 278 21.66 14.01 -14.51
N GLN A 279 21.91 13.17 -13.49
CA GLN A 279 21.18 11.90 -13.41
C GLN A 279 19.68 12.18 -13.24
N MET A 280 19.30 13.23 -12.46
CA MET A 280 17.88 13.50 -12.26
C MET A 280 17.27 14.03 -13.55
N VAL A 281 18.01 14.91 -14.24
CA VAL A 281 17.52 15.45 -15.51
C VAL A 281 17.23 14.29 -16.46
N GLN A 282 18.20 13.40 -16.61
CA GLN A 282 18.09 12.26 -17.51
C GLN A 282 16.90 11.39 -17.13
N ALA A 283 16.75 11.12 -15.84
CA ALA A 283 15.68 10.25 -15.37
C ALA A 283 14.31 10.90 -15.64
N MET A 284 14.23 12.22 -15.53
CA MET A 284 12.96 12.89 -15.76
C MET A 284 12.67 13.00 -17.25
N GLU A 285 13.73 13.09 -18.06
CA GLU A 285 13.52 13.03 -19.52
C GLU A 285 12.88 11.70 -19.90
N LYS A 286 13.39 10.60 -19.34
CA LYS A 286 12.92 9.26 -19.64
C LYS A 286 11.47 9.13 -19.16
N ALA A 287 11.19 9.62 -17.94
CA ALA A 287 9.87 9.43 -17.36
C ALA A 287 8.84 10.24 -18.13
N SER A 288 9.22 11.48 -18.51
CA SER A 288 8.33 12.46 -19.12
C SER A 288 8.19 12.27 -20.62
N GLY A 289 9.23 11.72 -21.25
CA GLY A 289 9.35 11.73 -22.72
C GLY A 289 9.58 13.14 -23.27
N LYS A 290 10.06 14.06 -22.41
CA LYS A 290 10.25 15.44 -22.84
C LYS A 290 11.72 15.84 -22.73
N LYS A 291 12.14 16.82 -23.53
CA LYS A 291 13.49 17.38 -23.42
C LYS A 291 13.51 18.31 -22.21
N ILE A 292 14.60 18.27 -21.44
CA ILE A 292 14.71 19.15 -20.28
C ILE A 292 15.99 19.97 -20.45
N PRO A 293 15.93 21.13 -21.15
CA PRO A 293 17.09 22.00 -21.26
C PRO A 293 17.61 22.46 -19.90
N TYR A 294 18.92 22.63 -19.80
CA TYR A 294 19.51 23.18 -18.58
C TYR A 294 20.61 24.17 -18.94
N LYS A 295 20.99 24.98 -17.95
CA LYS A 295 22.08 25.91 -18.12
C LYS A 295 22.98 25.79 -16.89
N VAL A 296 24.26 25.49 -17.14
CA VAL A 296 25.25 25.50 -16.09
C VAL A 296 25.57 26.95 -15.71
N VAL A 297 25.38 27.27 -14.44
CA VAL A 297 25.77 28.57 -13.91
C VAL A 297 26.77 28.31 -12.78
N ALA A 298 27.26 29.36 -12.14
CA ALA A 298 28.31 29.21 -11.14
C ALA A 298 27.78 28.42 -9.95
N ARG A 299 28.71 27.83 -9.20
CA ARG A 299 28.40 27.14 -7.94
C ARG A 299 27.70 28.12 -7.00
N ARG A 300 26.76 27.60 -6.19
CA ARG A 300 26.16 28.37 -5.13
C ARG A 300 27.09 28.34 -3.91
N GLU A 301 27.34 29.50 -3.31
CA GLU A 301 28.22 29.61 -2.16
C GLU A 301 27.74 28.62 -1.10
N GLY A 302 28.65 27.82 -0.57
CA GLY A 302 28.31 26.98 0.56
C GLY A 302 27.84 25.59 0.17
N ASP A 303 27.57 25.35 -1.13
CA ASP A 303 27.25 24.02 -1.62
C ASP A 303 28.47 23.09 -1.59
N VAL A 304 28.23 21.83 -1.22
CA VAL A 304 29.26 20.80 -1.28
C VAL A 304 29.02 19.91 -2.49
N ALA A 305 30.02 19.09 -2.86
CA ALA A 305 29.95 18.21 -4.01
C ALA A 305 28.89 17.12 -3.81
N ALA A 306 28.88 16.47 -2.63
CA ALA A 306 28.01 15.32 -2.44
C ALA A 306 27.54 15.25 -1.00
N CYS A 307 26.27 14.87 -0.85
CA CYS A 307 25.73 14.70 0.49
C CYS A 307 24.61 13.67 0.41
N TYR A 308 24.78 12.54 1.09
CA TYR A 308 23.74 11.52 1.14
C TYR A 308 23.88 10.69 2.42
N ALA A 309 22.79 9.99 2.78
CA ALA A 309 22.68 9.31 4.07
C ALA A 309 22.83 7.80 3.96
N ASN A 310 23.42 7.20 5.00
CA ASN A 310 23.47 5.75 5.15
C ASN A 310 22.22 5.28 5.91
N PRO A 311 21.33 4.46 5.32
CA PRO A 311 20.13 4.00 5.98
C PRO A 311 20.21 2.61 6.62
N SER A 312 21.44 2.13 6.87
CA SER A 312 21.64 0.75 7.33
C SER A 312 21.01 0.52 8.72
N LEU A 313 21.14 1.50 9.61
CA LEU A 313 20.64 1.32 10.98
C LEU A 313 19.12 1.09 10.98
N ALA A 314 18.40 1.84 10.13
CA ALA A 314 16.96 1.71 10.01
C ALA A 314 16.61 0.32 9.48
N GLN A 315 17.43 -0.24 8.59
CA GLN A 315 17.13 -1.59 8.12
C GLN A 315 17.27 -2.55 9.30
N GLU A 316 18.34 -2.38 10.07
CA GLU A 316 18.65 -3.29 11.17
C GLU A 316 17.61 -3.17 12.29
N GLU A 317 17.19 -1.94 12.63
CA GLU A 317 16.43 -1.76 13.86
C GLU A 317 14.95 -1.43 13.59
N LEU A 318 14.64 -0.87 12.40
CA LEU A 318 13.25 -0.60 12.06
C LEU A 318 12.71 -1.70 11.13
N GLY A 319 13.59 -2.56 10.63
CA GLY A 319 13.21 -3.50 9.57
C GLY A 319 12.79 -2.81 8.28
N TRP A 320 13.30 -1.59 8.01
CA TRP A 320 12.77 -0.77 6.93
C TRP A 320 13.84 -0.55 5.87
N THR A 321 13.45 -0.62 4.58
CA THR A 321 14.28 -0.20 3.46
C THR A 321 13.44 0.61 2.50
N ALA A 322 14.08 1.55 1.77
CA ALA A 322 13.43 2.24 0.67
C ALA A 322 13.50 1.34 -0.56
N ALA A 323 12.38 1.11 -1.24
CA ALA A 323 12.44 0.19 -2.38
C ALA A 323 12.38 0.95 -3.70
N LEU A 324 11.96 2.23 -3.63
CA LEU A 324 11.68 2.91 -4.89
C LEU A 324 12.87 3.75 -5.32
N GLY A 325 13.34 3.56 -6.57
CA GLY A 325 14.53 4.25 -7.05
C GLY A 325 14.21 5.53 -7.81
N LEU A 326 15.24 6.08 -8.48
CA LEU A 326 15.14 7.38 -9.09
C LEU A 326 14.12 7.36 -10.22
N ASP A 327 14.11 6.30 -11.03
CA ASP A 327 13.16 6.27 -12.14
C ASP A 327 11.72 6.29 -11.64
N ARG A 328 11.45 5.49 -10.59
CA ARG A 328 10.12 5.47 -10.02
C ARG A 328 9.75 6.84 -9.43
N MET A 329 10.71 7.50 -8.75
CA MET A 329 10.43 8.83 -8.22
C MET A 329 9.95 9.72 -9.37
N CYS A 330 10.66 9.65 -10.49
CA CYS A 330 10.37 10.54 -11.61
C CYS A 330 9.04 10.19 -12.25
N GLU A 331 8.76 8.89 -12.44
CA GLU A 331 7.49 8.47 -13.02
C GLU A 331 6.32 8.93 -12.15
N ASP A 332 6.47 8.79 -10.81
CA ASP A 332 5.37 9.11 -9.92
C ASP A 332 5.17 10.61 -9.78
N LEU A 333 6.28 11.35 -9.81
CA LEU A 333 6.18 12.80 -9.82
C LEU A 333 5.46 13.24 -11.09
N TRP A 334 5.84 12.64 -12.21
CA TRP A 334 5.35 13.08 -13.50
C TRP A 334 3.83 12.82 -13.60
N ARG A 335 3.40 11.65 -13.09
CA ARG A 335 1.97 11.34 -13.12
C ARG A 335 1.15 12.37 -12.32
N TRP A 336 1.61 12.70 -11.10
CA TRP A 336 0.98 13.71 -10.27
C TRP A 336 0.94 15.05 -11.01
N GLN A 337 2.05 15.42 -11.64
CA GLN A 337 2.18 16.69 -12.35
C GLN A 337 1.22 16.72 -13.53
N LYS A 338 1.11 15.63 -14.29
CA LYS A 338 0.27 15.60 -15.48
C LYS A 338 -1.21 15.58 -15.09
N GLN A 339 -1.55 14.82 -14.04
CA GLN A 339 -2.93 14.68 -13.62
C GLN A 339 -3.42 15.95 -12.93
N ASN A 340 -2.48 16.71 -12.36
CA ASN A 340 -2.81 17.83 -11.49
C ASN A 340 -1.81 18.95 -11.76
N PRO A 341 -1.86 19.58 -12.96
CA PRO A 341 -0.87 20.58 -13.37
C PRO A 341 -0.67 21.73 -12.39
N SER A 342 -1.70 22.09 -11.61
CA SER A 342 -1.59 23.17 -10.63
C SER A 342 -1.70 22.64 -9.20
N GLY A 343 -1.43 21.34 -9.01
CA GLY A 343 -1.59 20.76 -7.69
C GLY A 343 -3.08 20.59 -7.37
N PHE A 344 -3.47 20.76 -6.10
CA PHE A 344 -4.86 20.49 -5.73
C PHE A 344 -5.87 21.55 -6.31
N ALA B 2 12.93 -11.36 9.62
CA ALA B 2 13.57 -12.67 9.42
C ALA B 2 12.49 -13.76 9.27
N GLU B 3 11.32 -13.51 9.88
CA GLU B 3 10.19 -14.42 9.73
C GLU B 3 9.43 -14.11 8.44
N LYS B 4 9.02 -15.18 7.77
CA LYS B 4 8.49 -15.06 6.42
C LYS B 4 7.01 -15.42 6.43
N VAL B 5 6.32 -15.06 5.35
CA VAL B 5 4.95 -15.43 5.14
C VAL B 5 4.92 -16.35 3.92
N LEU B 6 4.47 -17.61 4.08
CA LEU B 6 4.33 -18.47 2.92
C LEU B 6 3.05 -18.09 2.17
N VAL B 7 3.16 -17.96 0.84
CA VAL B 7 1.97 -17.75 0.01
C VAL B 7 1.86 -18.91 -0.98
N THR B 8 0.93 -19.85 -0.76
CA THR B 8 0.78 -20.92 -1.73
C THR B 8 -0.04 -20.40 -2.90
N GLY B 9 0.24 -20.92 -4.10
CA GLY B 9 -0.43 -20.50 -5.31
C GLY B 9 -0.19 -19.01 -5.59
N GLY B 10 0.95 -18.49 -5.14
CA GLY B 10 1.16 -17.04 -5.17
C GLY B 10 1.43 -16.52 -6.58
N ALA B 11 1.59 -17.39 -7.59
CA ALA B 11 1.83 -16.90 -8.95
C ALA B 11 0.52 -16.56 -9.67
N GLY B 12 -0.63 -16.92 -9.05
CA GLY B 12 -1.91 -16.82 -9.74
C GLY B 12 -2.47 -15.40 -9.65
N TYR B 13 -3.74 -15.23 -10.04
CA TYR B 13 -4.37 -13.92 -10.16
C TYR B 13 -4.42 -13.21 -8.80
N ILE B 14 -5.12 -13.80 -7.82
CA ILE B 14 -5.28 -13.15 -6.52
C ILE B 14 -3.96 -13.20 -5.75
N GLY B 15 -3.28 -14.36 -5.85
CA GLY B 15 -1.97 -14.59 -5.25
C GLY B 15 -0.95 -13.48 -5.57
N SER B 16 -0.76 -13.24 -6.89
CA SER B 16 0.25 -12.29 -7.34
C SER B 16 -0.08 -10.90 -6.79
N HIS B 17 -1.36 -10.54 -6.78
CA HIS B 17 -1.75 -9.23 -6.26
C HIS B 17 -1.46 -9.15 -4.75
N THR B 18 -1.66 -10.26 -4.05
CA THR B 18 -1.44 -10.33 -2.61
C THR B 18 0.07 -10.30 -2.27
N VAL B 19 0.90 -10.97 -3.10
CA VAL B 19 2.34 -10.90 -2.98
C VAL B 19 2.76 -9.44 -3.10
N LEU B 20 2.22 -8.73 -4.11
CA LEU B 20 2.62 -7.32 -4.23
C LEU B 20 2.24 -6.54 -2.97
N GLU B 21 1.02 -6.75 -2.44
CA GLU B 21 0.56 -6.04 -1.25
C GLU B 21 1.43 -6.41 -0.05
N LEU B 22 1.81 -7.68 0.08
CA LEU B 22 2.72 -8.11 1.15
C LEU B 22 4.05 -7.35 1.13
N LEU B 23 4.64 -7.25 -0.07
CA LEU B 23 5.91 -6.60 -0.29
C LEU B 23 5.79 -5.11 0.05
N GLU B 24 4.71 -4.50 -0.41
CA GLU B 24 4.57 -3.06 -0.19
C GLU B 24 4.36 -2.77 1.29
N ALA B 25 3.79 -3.73 2.04
CA ALA B 25 3.50 -3.55 3.46
C ALA B 25 4.66 -3.93 4.35
N GLY B 26 5.77 -4.39 3.75
CA GLY B 26 7.01 -4.66 4.49
C GLY B 26 7.14 -6.12 4.96
N TYR B 27 6.28 -7.03 4.47
CA TYR B 27 6.45 -8.44 4.83
C TYR B 27 7.43 -9.10 3.86
N LEU B 28 7.94 -10.27 4.26
CA LEU B 28 8.86 -11.06 3.47
C LEU B 28 8.15 -12.34 2.99
N PRO B 29 7.63 -12.35 1.74
CA PRO B 29 6.92 -13.51 1.23
C PRO B 29 7.85 -14.58 0.67
N VAL B 30 7.42 -15.84 0.84
CA VAL B 30 8.00 -16.92 0.08
C VAL B 30 6.82 -17.55 -0.63
N VAL B 31 6.91 -17.68 -1.95
CA VAL B 31 5.81 -18.16 -2.77
C VAL B 31 6.14 -19.57 -3.25
N ILE B 32 5.11 -20.43 -3.24
CA ILE B 32 5.21 -21.70 -3.97
C ILE B 32 4.06 -21.76 -4.98
N ASP B 33 4.34 -22.40 -6.11
CA ASP B 33 3.39 -22.55 -7.18
C ASP B 33 3.88 -23.68 -8.09
N ASN B 34 2.95 -24.48 -8.64
CA ASN B 34 3.33 -25.55 -9.53
C ASN B 34 3.06 -25.16 -10.99
N PHE B 35 2.67 -23.90 -11.25
CA PHE B 35 2.42 -23.42 -12.60
C PHE B 35 1.23 -24.11 -13.28
N HIS B 36 0.36 -24.77 -12.52
CA HIS B 36 -0.86 -25.31 -13.09
C HIS B 36 -1.66 -24.25 -13.87
N ASN B 37 -1.78 -23.05 -13.29
CA ASN B 37 -2.54 -21.97 -13.90
C ASN B 37 -1.78 -20.66 -13.80
N ALA B 38 -0.45 -20.72 -14.02
CA ALA B 38 0.33 -19.50 -14.11
C ALA B 38 1.33 -19.64 -15.24
N PHE B 39 1.73 -18.51 -15.82
CA PHE B 39 2.62 -18.48 -16.98
C PHE B 39 4.08 -18.36 -16.53
N ARG B 40 4.95 -19.15 -17.17
CA ARG B 40 6.37 -19.10 -16.86
C ARG B 40 7.00 -17.86 -17.50
N GLY B 41 7.87 -17.20 -16.73
CA GLY B 41 8.59 -16.06 -17.26
C GLY B 41 9.93 -16.51 -17.87
N GLY B 42 10.70 -15.55 -18.40
CA GLY B 42 11.95 -15.82 -19.08
C GLY B 42 13.06 -16.25 -18.13
N GLY B 43 12.85 -16.00 -16.81
CA GLY B 43 13.76 -16.41 -15.76
C GLY B 43 13.13 -17.48 -14.88
N SER B 44 13.51 -17.52 -13.61
CA SER B 44 13.03 -18.53 -12.68
C SER B 44 11.60 -18.23 -12.22
N LEU B 45 11.28 -16.92 -12.17
CA LEU B 45 10.03 -16.48 -11.60
C LEU B 45 8.90 -16.67 -12.60
N PRO B 46 7.66 -16.95 -12.11
CA PRO B 46 6.47 -16.77 -12.91
C PRO B 46 6.45 -15.34 -13.46
N GLU B 47 5.93 -15.14 -14.67
CA GLU B 47 5.90 -13.80 -15.26
C GLU B 47 5.23 -12.81 -14.33
N SER B 48 4.10 -13.24 -13.72
CA SER B 48 3.38 -12.36 -12.82
C SER B 48 4.33 -11.84 -11.72
N LEU B 49 5.12 -12.73 -11.12
CA LEU B 49 5.96 -12.38 -9.99
C LEU B 49 7.22 -11.62 -10.45
N ARG B 50 7.70 -11.88 -11.67
CA ARG B 50 8.78 -11.06 -12.22
C ARG B 50 8.32 -9.61 -12.31
N ARG B 51 7.08 -9.41 -12.76
CA ARG B 51 6.55 -8.05 -12.89
C ARG B 51 6.29 -7.45 -11.51
N VAL B 52 5.81 -8.27 -10.57
CA VAL B 52 5.67 -7.81 -9.20
C VAL B 52 7.00 -7.27 -8.64
N GLN B 53 8.11 -7.98 -8.89
CA GLN B 53 9.41 -7.50 -8.47
C GLN B 53 9.70 -6.11 -9.07
N GLU B 54 9.44 -5.95 -10.37
CA GLU B 54 9.67 -4.67 -11.03
C GLU B 54 8.79 -3.56 -10.45
N LEU B 55 7.53 -3.90 -10.16
CA LEU B 55 6.56 -2.93 -9.68
C LEU B 55 6.92 -2.45 -8.27
N THR B 56 7.56 -3.31 -7.46
CA THR B 56 7.76 -3.03 -6.04
C THR B 56 9.20 -2.63 -5.74
N GLY B 57 10.14 -3.05 -6.61
CA GLY B 57 11.56 -2.89 -6.37
C GLY B 57 12.08 -3.86 -5.31
N ARG B 58 11.28 -4.90 -4.99
CA ARG B 58 11.68 -5.85 -3.96
C ARG B 58 11.67 -7.27 -4.55
N SER B 59 12.40 -8.16 -3.89
CA SER B 59 12.52 -9.49 -4.46
C SER B 59 11.50 -10.43 -3.87
N VAL B 60 11.10 -11.42 -4.67
CA VAL B 60 10.15 -12.42 -4.25
C VAL B 60 10.95 -13.72 -4.21
N GLU B 61 10.95 -14.39 -3.06
CA GLU B 61 11.54 -15.72 -3.01
C GLU B 61 10.50 -16.72 -3.49
N PHE B 62 10.93 -17.61 -4.37
CA PHE B 62 9.99 -18.48 -5.06
C PHE B 62 10.54 -19.90 -5.17
N GLU B 63 9.67 -20.90 -4.94
CA GLU B 63 10.02 -22.27 -5.23
C GLU B 63 8.88 -22.88 -6.04
N GLU B 64 9.22 -23.51 -7.17
CA GLU B 64 8.28 -24.29 -7.94
C GLU B 64 8.11 -25.64 -7.25
N MET B 65 6.92 -25.89 -6.69
CA MET B 65 6.63 -27.19 -6.08
C MET B 65 5.12 -27.37 -6.05
N ASP B 66 4.70 -28.60 -5.74
CA ASP B 66 3.28 -28.94 -5.69
C ASP B 66 2.93 -29.20 -4.23
N ILE B 67 1.86 -28.57 -3.74
CA ILE B 67 1.45 -28.78 -2.36
C ILE B 67 1.06 -30.23 -2.11
N LEU B 68 0.84 -31.00 -3.17
CA LEU B 68 0.55 -32.42 -2.99
C LEU B 68 1.81 -33.24 -2.65
N ASP B 69 2.98 -32.62 -2.81
CA ASP B 69 4.27 -33.27 -2.56
C ASP B 69 4.67 -33.12 -1.10
N GLN B 70 4.45 -34.19 -0.31
CA GLN B 70 4.70 -34.12 1.11
C GLN B 70 6.18 -33.84 1.41
N GLY B 71 7.08 -34.50 0.66
CA GLY B 71 8.50 -34.33 0.91
C GLY B 71 8.93 -32.89 0.60
N ALA B 72 8.38 -32.32 -0.50
CA ALA B 72 8.70 -30.94 -0.81
C ALA B 72 8.20 -30.00 0.29
N LEU B 73 7.00 -30.27 0.83
CA LEU B 73 6.45 -29.44 1.89
C LEU B 73 7.32 -29.52 3.15
N GLN B 74 7.73 -30.76 3.49
CA GLN B 74 8.56 -30.96 4.67
C GLN B 74 9.85 -30.15 4.52
N ARG B 75 10.46 -30.24 3.32
CA ARG B 75 11.73 -29.55 3.10
C ARG B 75 11.52 -28.03 3.22
N LEU B 76 10.43 -27.56 2.61
CA LEU B 76 10.12 -26.12 2.63
C LEU B 76 10.03 -25.57 4.04
N PHE B 77 9.32 -26.28 4.92
CA PHE B 77 9.11 -25.86 6.29
C PHE B 77 10.37 -25.95 7.15
N LYS B 78 11.31 -26.81 6.77
CA LYS B 78 12.60 -26.85 7.47
C LYS B 78 13.49 -25.71 6.98
N LYS B 79 13.38 -25.39 5.68
CA LYS B 79 14.24 -24.41 5.04
C LYS B 79 13.93 -22.99 5.50
N TYR B 80 12.63 -22.64 5.58
CA TYR B 80 12.21 -21.29 5.92
C TYR B 80 11.56 -21.28 7.30
N SER B 81 11.65 -20.15 8.01
CA SER B 81 10.90 -20.03 9.27
C SER B 81 9.68 -19.15 9.03
N PHE B 82 8.50 -19.79 8.94
CA PHE B 82 7.29 -19.05 8.60
C PHE B 82 6.54 -18.65 9.85
N MET B 83 6.01 -17.42 9.85
CA MET B 83 5.18 -16.98 10.96
C MET B 83 3.71 -17.17 10.63
N ALA B 84 3.38 -17.25 9.34
CA ALA B 84 2.02 -17.49 8.90
C ALA B 84 2.03 -17.99 7.47
N VAL B 85 0.85 -18.46 7.02
CA VAL B 85 0.66 -18.97 5.67
C VAL B 85 -0.62 -18.37 5.13
N ILE B 86 -0.58 -17.91 3.86
CA ILE B 86 -1.78 -17.51 3.15
C ILE B 86 -1.94 -18.50 2.02
N HIS B 87 -3.09 -19.21 1.99
CA HIS B 87 -3.27 -20.40 1.16
C HIS B 87 -4.21 -20.12 -0.02
N PHE B 88 -3.64 -19.92 -1.22
CA PHE B 88 -4.42 -19.74 -2.44
C PHE B 88 -4.31 -20.98 -3.35
N ALA B 89 -3.32 -21.87 -3.12
CA ALA B 89 -3.10 -22.94 -4.10
C ALA B 89 -4.31 -23.85 -4.13
N GLY B 90 -4.86 -24.02 -5.33
CA GLY B 90 -6.02 -24.87 -5.52
C GLY B 90 -6.57 -24.72 -6.94
N LEU B 91 -7.58 -25.55 -7.25
CA LEU B 91 -8.30 -25.47 -8.52
C LEU B 91 -9.60 -24.72 -8.25
N LYS B 92 -10.07 -23.90 -9.22
CA LYS B 92 -11.17 -23.01 -8.91
C LYS B 92 -12.19 -22.84 -10.04
N ALA B 93 -12.15 -23.66 -11.08
CA ALA B 93 -13.10 -23.52 -12.17
C ALA B 93 -14.35 -24.37 -11.90
N VAL B 94 -15.51 -23.70 -11.76
CA VAL B 94 -16.73 -24.39 -11.34
C VAL B 94 -17.13 -25.45 -12.36
N GLY B 95 -17.07 -25.12 -13.67
CA GLY B 95 -17.54 -26.06 -14.67
C GLY B 95 -16.63 -27.29 -14.77
N GLU B 96 -15.32 -27.04 -14.63
CA GLU B 96 -14.34 -28.12 -14.66
C GLU B 96 -14.54 -29.02 -13.44
N SER B 97 -14.95 -28.44 -12.30
CA SER B 97 -15.12 -29.23 -11.07
C SER B 97 -16.22 -30.30 -11.25
N VAL B 98 -17.25 -29.96 -12.02
CA VAL B 98 -18.38 -30.86 -12.21
C VAL B 98 -17.91 -32.05 -13.02
N GLN B 99 -17.02 -31.79 -13.98
CA GLN B 99 -16.54 -32.76 -14.94
C GLN B 99 -15.43 -33.62 -14.32
N LYS B 100 -14.61 -33.01 -13.46
CA LYS B 100 -13.44 -33.67 -12.90
C LYS B 100 -13.46 -33.50 -11.37
N PRO B 101 -14.48 -34.01 -10.65
CA PRO B 101 -14.54 -33.80 -9.21
C PRO B 101 -13.33 -34.32 -8.45
N LEU B 102 -12.78 -35.49 -8.83
CA LEU B 102 -11.68 -36.08 -8.08
C LEU B 102 -10.44 -35.18 -8.10
N ASP B 103 -10.20 -34.51 -9.22
CA ASP B 103 -9.08 -33.58 -9.30
C ASP B 103 -9.25 -32.43 -8.29
N TYR B 104 -10.48 -31.91 -8.17
CA TYR B 104 -10.81 -30.81 -7.27
C TYR B 104 -10.64 -31.29 -5.83
N TYR B 105 -11.15 -32.49 -5.54
CA TYR B 105 -11.01 -32.95 -4.16
C TYR B 105 -9.55 -33.27 -3.83
N ARG B 106 -8.81 -33.86 -4.77
CA ARG B 106 -7.39 -34.14 -4.53
C ARG B 106 -6.60 -32.87 -4.23
N VAL B 107 -6.60 -31.92 -5.19
CA VAL B 107 -5.79 -30.72 -5.03
C VAL B 107 -6.27 -29.90 -3.84
N ASN B 108 -7.60 -29.66 -3.74
CA ASN B 108 -8.09 -28.73 -2.74
C ASN B 108 -8.09 -29.38 -1.35
N LEU B 109 -8.61 -30.63 -1.26
CA LEU B 109 -8.70 -31.24 0.07
C LEU B 109 -7.37 -31.82 0.53
N THR B 110 -6.79 -32.75 -0.25
CA THR B 110 -5.55 -33.39 0.17
C THR B 110 -4.46 -32.33 0.29
N GLY B 111 -4.46 -31.37 -0.65
CA GLY B 111 -3.47 -30.30 -0.60
C GLY B 111 -3.54 -29.51 0.69
N THR B 112 -4.77 -29.13 1.08
CA THR B 112 -4.96 -28.37 2.29
C THR B 112 -4.63 -29.20 3.53
N ILE B 113 -5.08 -30.46 3.56
CA ILE B 113 -4.80 -31.30 4.72
C ILE B 113 -3.29 -31.43 4.90
N GLN B 114 -2.54 -31.61 3.81
CA GLN B 114 -1.10 -31.79 3.94
C GLN B 114 -0.46 -30.48 4.42
N LEU B 115 -0.95 -29.35 3.89
CA LEU B 115 -0.43 -28.08 4.37
C LEU B 115 -0.67 -27.95 5.86
N LEU B 116 -1.90 -28.26 6.32
CA LEU B 116 -2.24 -28.08 7.74
C LEU B 116 -1.36 -29.00 8.59
N GLU B 117 -1.15 -30.23 8.13
CA GLU B 117 -0.29 -31.17 8.84
C GLU B 117 1.13 -30.66 9.04
N ILE B 118 1.74 -30.10 7.98
CA ILE B 118 3.13 -29.68 8.09
C ILE B 118 3.23 -28.42 8.95
N MET B 119 2.22 -27.54 8.81
CA MET B 119 2.11 -26.36 9.65
C MET B 119 2.09 -26.78 11.11
N LYS B 120 1.24 -27.76 11.43
CA LYS B 120 1.09 -28.23 12.79
C LYS B 120 2.43 -28.78 13.29
N ALA B 121 3.08 -29.57 12.43
CA ALA B 121 4.31 -30.24 12.82
C ALA B 121 5.38 -29.22 13.18
N HIS B 122 5.38 -28.07 12.48
CA HIS B 122 6.42 -27.05 12.64
C HIS B 122 5.97 -25.90 13.53
N GLY B 123 4.81 -26.03 14.15
CA GLY B 123 4.29 -25.01 15.08
C GLY B 123 3.98 -23.69 14.38
N VAL B 124 3.69 -23.74 13.07
CA VAL B 124 3.20 -22.56 12.37
C VAL B 124 1.68 -22.62 12.43
N LYS B 125 1.06 -21.89 13.37
CA LYS B 125 -0.36 -22.14 13.59
C LYS B 125 -1.16 -20.89 13.29
N ASN B 126 -0.83 -20.26 12.15
CA ASN B 126 -1.42 -18.98 11.77
C ASN B 126 -1.71 -19.07 10.29
N LEU B 127 -3.00 -19.04 9.93
CA LEU B 127 -3.42 -19.30 8.56
C LEU B 127 -4.43 -18.26 8.09
N VAL B 128 -4.24 -17.76 6.86
CA VAL B 128 -5.31 -17.08 6.14
C VAL B 128 -5.72 -18.02 5.04
N PHE B 129 -6.98 -18.45 5.06
CA PHE B 129 -7.47 -19.33 4.00
C PHE B 129 -8.32 -18.48 3.06
N SER B 130 -8.01 -18.58 1.76
CA SER B 130 -8.76 -17.87 0.73
C SER B 130 -9.96 -18.74 0.36
N SER B 131 -11.11 -18.44 0.98
CA SER B 131 -12.33 -19.23 0.83
C SER B 131 -13.19 -18.66 -0.30
N SER B 132 -14.47 -19.05 -0.32
CA SER B 132 -15.39 -18.62 -1.36
C SER B 132 -16.77 -18.42 -0.73
N ALA B 133 -17.43 -17.32 -1.12
CA ALA B 133 -18.77 -17.07 -0.63
C ALA B 133 -19.77 -18.05 -1.27
N THR B 134 -19.31 -18.91 -2.18
CA THR B 134 -20.20 -19.96 -2.68
C THR B 134 -20.56 -20.96 -1.58
N VAL B 135 -19.81 -20.96 -0.47
CA VAL B 135 -20.08 -21.90 0.62
C VAL B 135 -21.46 -21.61 1.23
N TYR B 136 -21.97 -20.38 1.07
CA TYR B 136 -23.30 -20.06 1.60
C TYR B 136 -24.40 -20.80 0.85
N GLY B 137 -24.07 -21.32 -0.35
CA GLY B 137 -25.07 -21.99 -1.19
C GLY B 137 -26.06 -20.96 -1.73
N ASN B 138 -27.24 -21.43 -2.20
CA ASN B 138 -28.30 -20.52 -2.67
C ASN B 138 -28.74 -19.57 -1.55
N PRO B 139 -28.76 -18.23 -1.76
CA PRO B 139 -29.11 -17.30 -0.68
C PRO B 139 -30.51 -17.52 -0.12
N GLN B 140 -30.59 -17.55 1.21
CA GLN B 140 -31.85 -17.62 1.94
C GLN B 140 -32.28 -16.21 2.39
N TYR B 141 -31.31 -15.30 2.51
CA TYR B 141 -31.58 -13.88 2.66
C TYR B 141 -30.39 -13.11 2.09
N LEU B 142 -30.60 -11.80 1.86
CA LEU B 142 -29.54 -10.98 1.26
C LEU B 142 -29.51 -9.63 1.96
N PRO B 143 -28.34 -8.97 2.09
CA PRO B 143 -27.05 -9.56 1.68
C PRO B 143 -26.60 -10.72 2.59
N LEU B 144 -25.74 -11.62 2.06
CA LEU B 144 -25.23 -12.73 2.86
C LEU B 144 -24.29 -12.21 3.94
N ASP B 145 -24.55 -12.54 5.21
CA ASP B 145 -23.58 -12.25 6.25
C ASP B 145 -23.00 -13.56 6.80
N GLU B 146 -22.10 -13.44 7.79
CA GLU B 146 -21.34 -14.58 8.29
C GLU B 146 -22.25 -15.48 9.14
N ALA B 147 -23.44 -15.03 9.51
CA ALA B 147 -24.37 -15.89 10.24
C ALA B 147 -25.20 -16.74 9.28
N HIS B 148 -25.12 -16.50 7.97
CA HIS B 148 -25.97 -17.25 7.05
C HIS B 148 -25.50 -18.71 6.99
N PRO B 149 -26.41 -19.69 6.83
CA PRO B 149 -26.01 -21.10 6.74
C PRO B 149 -24.98 -21.36 5.65
N THR B 150 -24.08 -22.32 5.90
CA THR B 150 -23.11 -22.74 4.87
C THR B 150 -23.33 -24.20 4.57
N GLY B 151 -22.97 -24.62 3.35
CA GLY B 151 -23.23 -26.00 2.97
C GLY B 151 -24.32 -26.05 1.90
N GLY B 152 -24.71 -27.26 1.49
CA GLY B 152 -25.62 -27.42 0.36
C GLY B 152 -25.16 -26.67 -0.90
N CYS B 153 -23.85 -26.73 -1.17
CA CYS B 153 -23.32 -26.16 -2.40
C CYS B 153 -23.72 -27.10 -3.53
N THR B 154 -23.76 -26.59 -4.77
CA THR B 154 -24.30 -27.44 -5.84
C THR B 154 -23.22 -27.87 -6.84
N ASN B 155 -21.94 -27.62 -6.54
CA ASN B 155 -20.87 -28.09 -7.41
C ASN B 155 -19.67 -28.52 -6.56
N PRO B 156 -18.81 -29.45 -7.07
CA PRO B 156 -17.65 -29.95 -6.33
C PRO B 156 -16.70 -28.85 -5.84
N TYR B 157 -16.48 -27.83 -6.67
CA TYR B 157 -15.62 -26.73 -6.26
C TYR B 157 -16.13 -26.15 -4.94
N GLY B 158 -17.41 -25.73 -4.95
CA GLY B 158 -18.01 -25.12 -3.78
C GLY B 158 -17.93 -26.07 -2.59
N LYS B 159 -18.29 -27.34 -2.81
CA LYS B 159 -18.22 -28.30 -1.71
C LYS B 159 -16.80 -28.35 -1.14
N SER B 160 -15.79 -28.40 -2.04
CA SER B 160 -14.42 -28.51 -1.57
C SER B 160 -14.09 -27.33 -0.66
N LYS B 161 -14.54 -26.13 -1.03
CA LYS B 161 -14.25 -24.96 -0.19
C LYS B 161 -14.91 -25.08 1.17
N PHE B 162 -16.18 -25.55 1.17
CA PHE B 162 -16.93 -25.70 2.41
C PHE B 162 -16.25 -26.76 3.30
N PHE B 163 -15.81 -27.85 2.68
CA PHE B 163 -15.20 -28.92 3.43
C PHE B 163 -13.92 -28.41 4.09
N ILE B 164 -13.13 -27.61 3.35
CA ILE B 164 -11.90 -27.07 3.94
C ILE B 164 -12.24 -26.17 5.14
N GLU B 165 -13.23 -25.29 4.98
CA GLU B 165 -13.62 -24.47 6.10
C GLU B 165 -13.91 -25.33 7.33
N GLU B 166 -14.67 -26.40 7.12
CA GLU B 166 -15.08 -27.22 8.26
C GLU B 166 -13.88 -27.90 8.91
N MET B 167 -12.90 -28.33 8.10
CA MET B 167 -11.72 -28.96 8.66
C MET B 167 -10.95 -27.96 9.52
N ILE B 168 -10.82 -26.73 9.01
CA ILE B 168 -10.12 -25.68 9.74
C ILE B 168 -10.85 -25.36 11.04
N ARG B 169 -12.19 -25.28 10.98
CA ARG B 169 -12.98 -24.98 12.17
C ARG B 169 -12.72 -26.06 13.22
N ASP B 170 -12.71 -27.33 12.78
CA ASP B 170 -12.51 -28.43 13.70
C ASP B 170 -11.12 -28.45 14.30
N LEU B 171 -10.10 -28.13 13.48
CA LEU B 171 -8.72 -28.03 13.92
C LEU B 171 -8.64 -26.97 15.04
N CYS B 172 -9.25 -25.79 14.78
CA CYS B 172 -9.15 -24.72 15.76
C CYS B 172 -9.91 -25.06 17.04
N GLN B 173 -11.02 -25.79 16.90
CA GLN B 173 -11.76 -26.25 18.06
C GLN B 173 -10.85 -27.15 18.93
N ALA B 174 -10.08 -28.02 18.27
CA ALA B 174 -9.29 -29.02 18.97
C ALA B 174 -8.04 -28.41 19.57
N ASP B 175 -7.54 -27.31 18.98
CA ASP B 175 -6.33 -26.68 19.46
C ASP B 175 -6.54 -25.16 19.46
N LYS B 176 -6.73 -24.60 20.66
CA LYS B 176 -7.08 -23.20 20.77
C LYS B 176 -5.89 -22.29 20.46
N THR B 177 -4.70 -22.86 20.27
CA THR B 177 -3.53 -22.04 19.98
C THR B 177 -3.54 -21.59 18.52
N TRP B 178 -4.31 -22.35 17.70
CA TRP B 178 -4.38 -22.05 16.28
C TRP B 178 -5.11 -20.73 16.07
N ASN B 179 -4.65 -19.95 15.08
CA ASN B 179 -5.37 -18.76 14.66
C ASN B 179 -5.56 -18.89 13.16
N ALA B 180 -6.80 -18.72 12.70
CA ALA B 180 -7.05 -18.87 11.27
C ALA B 180 -8.15 -17.89 10.88
N VAL B 181 -7.97 -17.25 9.72
CA VAL B 181 -8.99 -16.35 9.23
C VAL B 181 -9.44 -16.90 7.89
N LEU B 182 -10.76 -17.14 7.76
CA LEU B 182 -11.33 -17.69 6.54
C LEU B 182 -11.98 -16.52 5.84
N LEU B 183 -11.53 -16.22 4.62
CA LEU B 183 -12.08 -15.05 3.93
C LEU B 183 -13.00 -15.54 2.81
N ARG B 184 -14.26 -15.08 2.85
CA ARG B 184 -15.25 -15.50 1.85
C ARG B 184 -15.57 -14.31 0.96
N TYR B 185 -15.46 -14.53 -0.35
CA TYR B 185 -15.78 -13.46 -1.29
C TYR B 185 -16.25 -14.12 -2.56
N PHE B 186 -16.69 -13.28 -3.52
CA PHE B 186 -17.24 -13.78 -4.76
C PHE B 186 -16.23 -13.56 -5.89
N ASN B 187 -16.46 -12.58 -6.76
CA ASN B 187 -15.73 -12.56 -8.02
C ASN B 187 -14.66 -11.47 -7.98
N PRO B 188 -13.36 -11.83 -7.93
CA PRO B 188 -12.30 -10.84 -8.04
C PRO B 188 -12.31 -10.28 -9.44
N THR B 189 -12.11 -8.96 -9.55
CA THR B 189 -12.18 -8.33 -10.86
C THR B 189 -11.12 -7.22 -10.90
N GLY B 190 -10.83 -6.71 -12.11
CA GLY B 190 -9.89 -5.59 -12.18
C GLY B 190 -8.45 -6.10 -12.13
N ALA B 191 -7.52 -5.18 -11.88
CA ALA B 191 -6.12 -5.50 -11.96
C ALA B 191 -5.34 -4.38 -11.26
N HIS B 192 -4.08 -4.68 -10.90
CA HIS B 192 -3.20 -3.64 -10.40
C HIS B 192 -3.23 -2.44 -11.36
N ALA B 193 -3.20 -1.21 -10.78
CA ALA B 193 -3.41 0.03 -11.52
C ALA B 193 -2.32 0.27 -12.56
N SER B 194 -1.15 -0.39 -12.40
CA SER B 194 -0.10 -0.31 -13.41
C SER B 194 -0.55 -0.87 -14.78
N GLY B 195 -1.51 -1.79 -14.76
CA GLY B 195 -1.86 -2.54 -15.95
C GLY B 195 -0.84 -3.62 -16.32
N CYS B 196 0.15 -3.89 -15.45
CA CYS B 196 1.22 -4.82 -15.78
C CYS B 196 0.89 -6.28 -15.38
N ILE B 197 -0.01 -6.47 -14.42
CA ILE B 197 -0.45 -7.81 -14.06
C ILE B 197 -1.98 -7.80 -14.03
N GLY B 198 -2.58 -8.99 -14.08
CA GLY B 198 -4.02 -9.13 -14.07
C GLY B 198 -4.33 -10.60 -14.26
N GLU B 199 -5.59 -10.91 -14.55
CA GLU B 199 -6.03 -12.29 -14.70
C GLU B 199 -5.71 -12.71 -16.13
N ASP B 200 -5.09 -13.90 -16.27
CA ASP B 200 -4.63 -14.32 -17.59
C ASP B 200 -5.23 -15.67 -17.95
N PRO B 201 -6.53 -15.72 -18.31
CA PRO B 201 -7.18 -17.00 -18.57
C PRO B 201 -6.60 -17.68 -19.80
N GLN B 202 -6.51 -19.01 -19.73
CA GLN B 202 -6.15 -19.76 -20.95
C GLN B 202 -7.42 -20.25 -21.62
N GLY B 203 -7.50 -20.09 -22.93
CA GLY B 203 -8.70 -20.50 -23.67
C GLY B 203 -9.87 -19.55 -23.40
N ILE B 204 -11.09 -20.04 -23.66
CA ILE B 204 -12.31 -19.24 -23.53
C ILE B 204 -12.56 -18.99 -22.04
N PRO B 205 -12.62 -17.72 -21.59
CA PRO B 205 -12.82 -17.42 -20.17
C PRO B 205 -14.14 -17.95 -19.65
N ASN B 206 -14.16 -18.40 -18.39
CA ASN B 206 -15.38 -18.95 -17.79
C ASN B 206 -16.12 -17.90 -16.97
N ASN B 207 -15.43 -16.84 -16.52
CA ASN B 207 -16.04 -15.79 -15.72
C ASN B 207 -16.48 -14.65 -16.65
N LEU B 208 -17.44 -13.86 -16.16
CA LEU B 208 -18.02 -12.79 -16.95
C LEU B 208 -16.98 -11.75 -17.39
N MET B 209 -16.26 -11.18 -16.42
CA MET B 209 -15.48 -9.96 -16.68
C MET B 209 -14.36 -10.21 -17.68
N PRO B 210 -13.54 -11.28 -17.54
CA PRO B 210 -12.53 -11.57 -18.56
C PRO B 210 -13.15 -11.76 -19.96
N TYR B 211 -14.35 -12.33 -20.01
CA TYR B 211 -15.00 -12.53 -21.29
C TYR B 211 -15.38 -11.19 -21.91
N VAL B 212 -15.94 -10.32 -21.08
CA VAL B 212 -16.36 -9.00 -21.53
C VAL B 212 -15.15 -8.20 -22.01
N SER B 213 -14.02 -8.26 -21.28
CA SER B 213 -12.82 -7.57 -21.72
C SER B 213 -12.32 -8.14 -23.05
N GLN B 214 -12.47 -9.45 -23.25
CA GLN B 214 -12.01 -10.09 -24.49
C GLN B 214 -12.89 -9.68 -25.68
N VAL B 215 -14.19 -9.49 -25.44
CA VAL B 215 -15.09 -8.98 -26.46
C VAL B 215 -14.61 -7.57 -26.81
N ALA B 216 -14.35 -6.75 -25.78
CA ALA B 216 -14.00 -5.36 -26.01
C ALA B 216 -12.72 -5.25 -26.83
N ILE B 217 -11.75 -6.15 -26.56
CA ILE B 217 -10.45 -6.12 -27.22
C ILE B 217 -10.53 -6.74 -28.63
N GLY B 218 -11.66 -7.37 -28.96
CA GLY B 218 -11.87 -7.88 -30.31
C GLY B 218 -11.67 -9.39 -30.40
N ARG B 219 -11.23 -10.02 -29.30
CA ARG B 219 -10.86 -11.43 -29.33
C ARG B 219 -12.09 -12.33 -29.34
N ARG B 220 -13.25 -11.79 -28.93
CA ARG B 220 -14.48 -12.57 -28.89
C ARG B 220 -15.59 -11.77 -29.57
N GLU B 221 -16.58 -12.47 -30.12
CA GLU B 221 -17.61 -11.80 -30.92
C GLU B 221 -18.69 -11.17 -30.06
N ALA B 222 -19.25 -11.94 -29.10
CA ALA B 222 -20.41 -11.51 -28.34
C ALA B 222 -20.40 -12.23 -26.99
N LEU B 223 -20.90 -11.55 -25.95
CA LEU B 223 -21.04 -12.19 -24.64
C LEU B 223 -22.35 -12.98 -24.58
N ASN B 224 -22.27 -14.23 -24.09
CA ASN B 224 -23.49 -14.95 -23.75
C ASN B 224 -23.98 -14.52 -22.37
N VAL B 225 -25.25 -14.06 -22.31
CA VAL B 225 -25.92 -13.68 -21.08
C VAL B 225 -26.92 -14.80 -20.74
N PHE B 226 -26.63 -15.48 -19.61
CA PHE B 226 -27.37 -16.66 -19.22
C PHE B 226 -28.64 -16.24 -18.48
N GLY B 227 -29.70 -15.96 -19.26
CA GLY B 227 -31.01 -15.65 -18.73
C GLY B 227 -31.21 -14.14 -18.60
N ASN B 228 -32.41 -13.65 -18.96
CA ASN B 228 -32.74 -12.26 -18.68
C ASN B 228 -34.15 -12.16 -18.12
N ASP B 229 -34.61 -13.25 -17.51
CA ASP B 229 -35.93 -13.30 -16.91
C ASP B 229 -35.84 -13.59 -15.41
N TYR B 230 -34.76 -13.16 -14.77
CA TYR B 230 -34.63 -13.34 -13.34
C TYR B 230 -35.44 -12.29 -12.60
N ASP B 231 -35.77 -12.61 -11.34
CA ASP B 231 -36.32 -11.63 -10.43
C ASP B 231 -35.24 -10.60 -10.04
N THR B 232 -34.80 -9.79 -11.00
CA THR B 232 -33.86 -8.70 -10.75
C THR B 232 -34.38 -7.47 -11.47
N GLU B 233 -33.77 -6.31 -11.21
CA GLU B 233 -34.17 -5.04 -11.81
C GLU B 233 -34.25 -5.12 -13.35
N ASP B 234 -33.21 -5.68 -14.01
CA ASP B 234 -33.17 -5.74 -15.48
C ASP B 234 -33.38 -7.15 -16.00
N GLY B 235 -33.50 -8.13 -15.11
CA GLY B 235 -33.75 -9.50 -15.53
C GLY B 235 -32.49 -10.33 -15.55
N THR B 236 -31.30 -9.68 -15.61
CA THR B 236 -30.06 -10.47 -15.66
C THR B 236 -29.55 -10.72 -14.24
N GLY B 237 -28.67 -11.73 -14.09
CA GLY B 237 -28.22 -12.17 -12.78
C GLY B 237 -27.39 -11.08 -12.09
N VAL B 238 -27.66 -10.86 -10.80
CA VAL B 238 -26.94 -9.85 -10.03
C VAL B 238 -25.90 -10.62 -9.22
N ARG B 239 -24.67 -10.11 -9.30
CA ARG B 239 -23.52 -10.86 -8.79
C ARG B 239 -22.62 -9.87 -8.06
N ASP B 240 -21.68 -10.44 -7.31
CA ASP B 240 -20.84 -9.67 -6.40
C ASP B 240 -19.41 -9.62 -6.98
N TYR B 241 -18.90 -8.39 -7.22
CA TYR B 241 -17.61 -8.16 -7.86
C TYR B 241 -16.75 -7.33 -6.92
N ILE B 242 -15.54 -7.81 -6.60
CA ILE B 242 -14.62 -7.10 -5.71
C ILE B 242 -13.31 -6.83 -6.47
N HIS B 243 -12.78 -5.62 -6.37
CA HIS B 243 -11.52 -5.30 -7.03
C HIS B 243 -10.42 -6.15 -6.39
N VAL B 244 -9.61 -6.83 -7.24
CA VAL B 244 -8.60 -7.76 -6.79
C VAL B 244 -7.60 -7.08 -5.84
N VAL B 245 -7.36 -5.78 -6.05
CA VAL B 245 -6.42 -5.03 -5.19
C VAL B 245 -7.04 -4.89 -3.78
N ASP B 246 -8.33 -4.55 -3.73
CA ASP B 246 -9.03 -4.50 -2.44
C ASP B 246 -9.01 -5.89 -1.77
N LEU B 247 -9.28 -6.93 -2.57
CA LEU B 247 -9.26 -8.30 -2.07
C LEU B 247 -7.89 -8.63 -1.48
N ALA B 248 -6.82 -8.28 -2.21
CA ALA B 248 -5.46 -8.53 -1.76
C ALA B 248 -5.19 -7.82 -0.43
N LYS B 249 -5.63 -6.54 -0.35
CA LYS B 249 -5.48 -5.80 0.88
C LYS B 249 -6.27 -6.46 2.01
N GLY B 250 -7.40 -7.09 1.70
CA GLY B 250 -8.13 -7.80 2.74
C GLY B 250 -7.35 -9.00 3.30
N HIS B 251 -6.57 -9.66 2.44
CA HIS B 251 -5.72 -10.76 2.90
C HIS B 251 -4.64 -10.23 3.86
N ILE B 252 -4.16 -9.00 3.61
CA ILE B 252 -3.19 -8.38 4.51
C ILE B 252 -3.85 -8.10 5.86
N ALA B 253 -5.10 -7.59 5.80
CA ALA B 253 -5.77 -7.26 7.05
C ALA B 253 -5.97 -8.55 7.84
N ALA B 254 -6.26 -9.65 7.14
CA ALA B 254 -6.45 -10.92 7.84
C ALA B 254 -5.14 -11.40 8.48
N LEU B 255 -4.03 -11.28 7.76
CA LEU B 255 -2.71 -11.58 8.29
C LEU B 255 -2.47 -10.83 9.60
N ARG B 256 -2.74 -9.51 9.61
CA ARG B 256 -2.59 -8.73 10.83
C ARG B 256 -3.52 -9.20 11.95
N LYS B 257 -4.74 -9.63 11.61
CA LYS B 257 -5.70 -10.06 12.61
C LYS B 257 -5.14 -11.26 13.38
N LEU B 258 -4.35 -12.11 12.70
CA LEU B 258 -3.77 -13.30 13.33
C LEU B 258 -2.92 -12.92 14.55
N LYS B 259 -2.32 -11.74 14.52
CA LYS B 259 -1.38 -11.32 15.56
C LYS B 259 -2.13 -11.09 16.87
N GLU B 260 -3.45 -10.89 16.77
CA GLU B 260 -4.29 -10.66 17.94
C GLU B 260 -4.64 -11.98 18.64
N GLN B 261 -4.14 -13.10 18.10
CA GLN B 261 -4.40 -14.41 18.67
C GLN B 261 -5.90 -14.65 18.67
N CYS B 262 -6.50 -14.48 17.48
CA CYS B 262 -7.93 -14.37 17.29
C CYS B 262 -8.66 -15.72 17.34
N GLY B 263 -7.92 -16.84 17.25
CA GLY B 263 -8.58 -18.13 17.07
C GLY B 263 -9.14 -18.25 15.65
N CYS B 264 -10.24 -19.00 15.49
CA CYS B 264 -10.89 -19.11 14.19
C CYS B 264 -11.85 -17.94 13.93
N ARG B 265 -11.65 -17.20 12.83
CA ARG B 265 -12.53 -16.09 12.49
C ARG B 265 -12.91 -16.20 11.02
N ILE B 266 -14.13 -15.74 10.69
CA ILE B 266 -14.63 -15.82 9.32
C ILE B 266 -15.12 -14.43 8.92
N TYR B 267 -14.65 -13.91 7.78
CA TYR B 267 -15.12 -12.62 7.30
C TYR B 267 -15.45 -12.69 5.81
N ASN B 268 -16.56 -12.09 5.41
CA ASN B 268 -16.83 -11.76 4.02
C ASN B 268 -15.96 -10.58 3.61
N LEU B 269 -15.52 -10.60 2.35
CA LEU B 269 -14.89 -9.44 1.74
C LEU B 269 -15.71 -9.10 0.51
N GLY B 270 -16.01 -7.81 0.34
CA GLY B 270 -16.84 -7.37 -0.79
C GLY B 270 -17.15 -5.89 -0.65
N THR B 271 -17.84 -5.32 -1.66
CA THR B 271 -18.22 -3.90 -1.61
C THR B 271 -19.56 -3.71 -0.91
N GLY B 272 -20.35 -4.79 -0.81
CA GLY B 272 -21.69 -4.71 -0.24
C GLY B 272 -22.76 -4.36 -1.28
N THR B 273 -22.37 -4.16 -2.55
CA THR B 273 -23.32 -3.83 -3.60
C THR B 273 -23.12 -4.80 -4.76
N GLY B 274 -24.23 -5.43 -5.20
CA GLY B 274 -24.23 -6.30 -6.36
C GLY B 274 -24.50 -5.52 -7.65
N TYR B 275 -24.09 -6.09 -8.78
CA TYR B 275 -24.33 -5.53 -10.09
C TYR B 275 -24.86 -6.62 -11.01
N SER B 276 -25.75 -6.21 -11.92
CA SER B 276 -26.30 -7.14 -12.91
C SER B 276 -25.30 -7.30 -14.05
N VAL B 277 -25.55 -8.31 -14.89
CA VAL B 277 -24.71 -8.57 -16.05
C VAL B 277 -24.70 -7.31 -16.91
N LEU B 278 -25.90 -6.75 -17.13
CA LEU B 278 -25.98 -5.60 -18.03
C LEU B 278 -25.30 -4.40 -17.41
N GLN B 279 -25.35 -4.26 -16.07
CA GLN B 279 -24.65 -3.14 -15.45
C GLN B 279 -23.13 -3.26 -15.66
N MET B 280 -22.60 -4.51 -15.62
CA MET B 280 -21.16 -4.69 -15.85
C MET B 280 -20.81 -4.41 -17.31
N VAL B 281 -21.65 -4.90 -18.23
CA VAL B 281 -21.41 -4.63 -19.65
C VAL B 281 -21.35 -3.12 -19.89
N GLN B 282 -22.33 -2.40 -19.35
CA GLN B 282 -22.40 -0.95 -19.53
C GLN B 282 -21.14 -0.28 -18.98
N ALA B 283 -20.71 -0.71 -17.78
CA ALA B 283 -19.55 -0.12 -17.16
C ALA B 283 -18.27 -0.41 -17.98
N MET B 284 -18.21 -1.58 -18.61
CA MET B 284 -17.06 -1.92 -19.41
C MET B 284 -17.07 -1.16 -20.74
N GLU B 285 -18.28 -0.89 -21.26
CA GLU B 285 -18.39 -0.08 -22.47
C GLU B 285 -17.84 1.32 -22.20
N LYS B 286 -18.22 1.90 -21.05
CA LYS B 286 -17.78 3.23 -20.64
C LYS B 286 -16.26 3.24 -20.46
N ALA B 287 -15.73 2.20 -19.80
CA ALA B 287 -14.30 2.21 -19.50
C ALA B 287 -13.50 2.03 -20.79
N SER B 288 -13.97 1.14 -21.67
CA SER B 288 -13.25 0.73 -22.87
C SER B 288 -13.46 1.70 -24.05
N GLY B 289 -14.61 2.39 -24.06
CA GLY B 289 -15.03 3.13 -25.24
C GLY B 289 -15.41 2.21 -26.40
N LYS B 290 -15.67 0.94 -26.11
CA LYS B 290 -15.97 -0.04 -27.15
C LYS B 290 -17.34 -0.64 -26.96
N LYS B 291 -17.99 -1.01 -28.08
CA LYS B 291 -19.27 -1.70 -28.06
C LYS B 291 -19.02 -3.14 -27.63
N ILE B 292 -19.89 -3.66 -26.75
CA ILE B 292 -19.71 -5.03 -26.28
C ILE B 292 -20.99 -5.78 -26.61
N PRO B 293 -21.08 -6.38 -27.82
CA PRO B 293 -22.29 -7.12 -28.19
C PRO B 293 -22.56 -8.27 -27.23
N TYR B 294 -23.84 -8.57 -26.98
CA TYR B 294 -24.20 -9.71 -26.16
C TYR B 294 -25.44 -10.38 -26.75
N LYS B 295 -25.65 -11.63 -26.32
CA LYS B 295 -26.77 -12.41 -26.78
C LYS B 295 -27.35 -13.12 -25.55
N VAL B 296 -28.67 -12.96 -25.39
CA VAL B 296 -29.35 -13.61 -24.28
C VAL B 296 -29.58 -15.07 -24.65
N VAL B 297 -29.10 -15.97 -23.78
CA VAL B 297 -29.33 -17.40 -23.95
C VAL B 297 -30.03 -17.92 -22.70
N ALA B 298 -30.26 -19.23 -22.62
CA ALA B 298 -30.96 -19.85 -21.52
C ALA B 298 -30.22 -19.62 -20.20
N ARG B 299 -30.97 -19.63 -19.09
CA ARG B 299 -30.40 -19.68 -17.75
C ARG B 299 -29.43 -20.85 -17.63
N ARG B 300 -28.36 -20.65 -16.86
CA ARG B 300 -27.38 -21.69 -16.61
C ARG B 300 -27.82 -22.47 -15.38
N GLU B 301 -27.76 -23.81 -15.48
CA GLU B 301 -28.14 -24.72 -14.41
C GLU B 301 -27.54 -24.24 -13.10
N GLY B 302 -28.38 -24.10 -12.07
CA GLY B 302 -27.89 -23.86 -10.72
C GLY B 302 -27.73 -22.38 -10.37
N ASP B 303 -27.95 -21.49 -11.35
CA ASP B 303 -27.84 -20.06 -11.11
C ASP B 303 -29.09 -19.53 -10.40
N VAL B 304 -28.90 -18.58 -9.50
CA VAL B 304 -29.98 -17.88 -8.83
C VAL B 304 -30.04 -16.44 -9.38
N ALA B 305 -31.09 -15.69 -8.98
CA ALA B 305 -31.27 -14.32 -9.41
C ALA B 305 -30.14 -13.41 -8.91
N ALA B 306 -29.85 -13.49 -7.60
CA ALA B 306 -28.93 -12.52 -6.99
C ALA B 306 -28.18 -13.18 -5.85
N CYS B 307 -26.88 -12.85 -5.77
CA CYS B 307 -26.07 -13.22 -4.61
C CYS B 307 -25.02 -12.14 -4.43
N TYR B 308 -25.01 -11.56 -3.23
CA TYR B 308 -24.02 -10.55 -2.85
C TYR B 308 -23.83 -10.65 -1.33
N ALA B 309 -22.65 -10.19 -0.87
CA ALA B 309 -22.21 -10.39 0.51
C ALA B 309 -22.26 -9.07 1.28
N ASN B 310 -22.52 -9.18 2.58
CA ASN B 310 -22.45 -8.07 3.52
C ASN B 310 -21.04 -8.01 4.10
N PRO B 311 -20.26 -6.93 3.88
CA PRO B 311 -18.90 -6.85 4.39
C PRO B 311 -18.74 -6.07 5.69
N SER B 312 -19.84 -5.88 6.45
CA SER B 312 -19.80 -5.07 7.65
C SER B 312 -18.85 -5.64 8.70
N LEU B 313 -18.83 -6.97 8.89
CA LEU B 313 -18.01 -7.55 9.94
C LEU B 313 -16.52 -7.27 9.71
N ALA B 314 -16.07 -7.40 8.45
CA ALA B 314 -14.68 -7.11 8.09
C ALA B 314 -14.37 -5.64 8.37
N GLN B 315 -15.34 -4.78 8.05
CA GLN B 315 -15.17 -3.34 8.27
C GLN B 315 -14.93 -3.09 9.75
N GLU B 316 -15.68 -3.79 10.60
CA GLU B 316 -15.61 -3.59 12.03
C GLU B 316 -14.41 -4.29 12.66
N GLU B 317 -14.06 -5.52 12.23
CA GLU B 317 -13.08 -6.29 12.98
C GLU B 317 -11.73 -6.38 12.27
N LEU B 318 -11.70 -6.20 10.93
CA LEU B 318 -10.45 -6.26 10.20
C LEU B 318 -9.92 -4.85 9.94
N GLY B 319 -10.76 -3.83 10.16
CA GLY B 319 -10.36 -2.46 9.86
C GLY B 319 -10.24 -2.27 8.34
N TRP B 320 -11.00 -3.08 7.60
CA TRP B 320 -10.85 -3.15 6.16
C TRP B 320 -12.14 -2.70 5.48
N THR B 321 -11.98 -1.88 4.43
CA THR B 321 -13.07 -1.52 3.53
C THR B 321 -12.49 -1.55 2.12
N ALA B 322 -13.33 -1.94 1.16
CA ALA B 322 -13.03 -1.86 -0.25
C ALA B 322 -13.09 -0.39 -0.70
N ALA B 323 -12.05 0.07 -1.38
CA ALA B 323 -11.96 1.46 -1.80
C ALA B 323 -12.38 1.60 -3.27
N LEU B 324 -12.30 0.52 -4.05
CA LEU B 324 -12.38 0.67 -5.49
C LEU B 324 -13.75 0.21 -6.00
N GLY B 325 -14.41 1.09 -6.77
CA GLY B 325 -15.78 0.81 -7.18
C GLY B 325 -15.82 0.26 -8.60
N LEU B 326 -17.03 0.26 -9.17
CA LEU B 326 -17.29 -0.42 -10.43
C LEU B 326 -16.44 0.18 -11.54
N ASP B 327 -16.42 1.52 -11.63
CA ASP B 327 -15.72 2.13 -12.74
C ASP B 327 -14.22 1.81 -12.64
N ARG B 328 -13.66 1.87 -11.43
CA ARG B 328 -12.25 1.53 -11.26
C ARG B 328 -11.99 0.07 -11.66
N MET B 329 -12.88 -0.86 -11.25
CA MET B 329 -12.67 -2.26 -11.63
C MET B 329 -12.56 -2.35 -13.15
N CYS B 330 -13.47 -1.65 -13.83
CA CYS B 330 -13.55 -1.76 -15.27
C CYS B 330 -12.36 -1.08 -15.94
N GLU B 331 -12.01 0.11 -15.45
CA GLU B 331 -10.89 0.85 -16.00
C GLU B 331 -9.60 0.06 -15.84
N ASP B 332 -9.42 -0.58 -14.67
CA ASP B 332 -8.20 -1.31 -14.38
C ASP B 332 -8.14 -2.61 -15.16
N LEU B 333 -9.29 -3.26 -15.34
CA LEU B 333 -9.33 -4.43 -16.18
C LEU B 333 -8.96 -4.04 -17.61
N TRP B 334 -9.53 -2.92 -18.07
CA TRP B 334 -9.36 -2.56 -19.48
C TRP B 334 -7.91 -2.20 -19.76
N ARG B 335 -7.25 -1.52 -18.80
CA ARG B 335 -5.84 -1.16 -18.95
C ARG B 335 -4.97 -2.41 -19.09
N TRP B 336 -5.20 -3.40 -18.21
CA TRP B 336 -4.52 -4.68 -18.29
C TRP B 336 -4.73 -5.31 -19.66
N GLN B 337 -5.99 -5.32 -20.11
CA GLN B 337 -6.36 -5.99 -21.35
C GLN B 337 -5.69 -5.29 -22.54
N LYS B 338 -5.68 -3.96 -22.52
CA LYS B 338 -5.20 -3.18 -23.66
C LYS B 338 -3.68 -3.24 -23.71
N GLN B 339 -3.03 -3.17 -22.54
CA GLN B 339 -1.59 -3.18 -22.45
C GLN B 339 -1.04 -4.58 -22.73
N ASN B 340 -1.88 -5.61 -22.57
CA ASN B 340 -1.44 -7.00 -22.61
C ASN B 340 -2.49 -7.79 -23.36
N PRO B 341 -2.66 -7.54 -24.69
CA PRO B 341 -3.74 -8.15 -25.45
C PRO B 341 -3.76 -9.67 -25.45
N SER B 342 -2.60 -10.31 -25.23
CA SER B 342 -2.53 -11.76 -25.13
C SER B 342 -2.20 -12.21 -23.70
N GLY B 343 -2.39 -11.33 -22.70
CA GLY B 343 -1.98 -11.68 -21.34
C GLY B 343 -0.46 -11.68 -21.20
N PHE B 344 0.10 -12.61 -20.42
CA PHE B 344 1.53 -12.61 -20.15
C PHE B 344 2.39 -13.01 -21.40
#